data_5V8O
#
_entry.id   5V8O
#
_cell.length_a   216.729
_cell.length_b   48.060
_cell.length_c   89.488
_cell.angle_alpha   90.00
_cell.angle_beta   110.65
_cell.angle_gamma   90.00
#
_symmetry.space_group_name_H-M   'C 1 2 1'
#
loop_
_entity.id
_entity.type
_entity.pdbx_description
1 polymer 'Cyclic GMP-AMP synthase'
2 non-polymer 'ZINC ION'
3 non-polymer 5-phenyltetrazolo[1,5-a]pyrimidin-7-ol
4 water water
#
_entity_poly.entity_id   1
_entity_poly.type   'polypeptide(L)'
_entity_poly.pdbx_seq_one_letter_code
;GASKLRAVLEKLKLSRDDISTAAGMVKGVVDHLLLRLKCDSAFRGVGLLNTGSYYEHVKISAPNEFDVMFKLEVPRIQLE
EYSNTRAYYFVKFKRNPKENPLSQFLEGEILSASKMLSKFRKIIKEEINDIKDTDVIMKRKRGGSPAVTLLISEKISVDI
TLALESKSSWPASTQEGLRIQNWLSAKVRKQLRLKPFYLVPKHAKEGNGFQEETWRLSFSHIEKEILNNHGKSKTCCENK
EEKCCRKDCLKLMKYLLEQLKERFKDKKHLDKFSSYHVKTAFFHVCTQNPQDSQWDRKDLGLCFDNCVTYFLQCLRTEKL
ENYFIPEFNLFSSNLIDKRSKEFLTKQIEYERNNEFPVFDEF
;
_entity_poly.pdbx_strand_id   A,B
#
loop_
_chem_comp.id
_chem_comp.type
_chem_comp.name
_chem_comp.formula
8ZM non-polymer 5-phenyltetrazolo[1,5-a]pyrimidin-7-ol 'C10 H7 N5 O'
ZN non-polymer 'ZINC ION' 'Zn 2'
#
# COMPACT_ATOMS: atom_id res chain seq x y z
N GLY A 1 16.94 5.83 33.12
CA GLY A 1 16.42 4.62 33.75
C GLY A 1 15.15 4.13 33.10
N ALA A 2 15.24 2.97 32.40
CA ALA A 2 14.12 2.34 31.66
C ALA A 2 13.57 1.09 32.35
N SER A 3 14.23 0.62 33.43
CA SER A 3 13.85 -0.61 34.13
C SER A 3 12.39 -0.63 34.58
N LYS A 4 11.97 0.41 35.33
CA LYS A 4 10.59 0.50 35.82
C LYS A 4 9.61 0.69 34.62
N LEU A 5 10.09 1.29 33.51
CA LEU A 5 9.27 1.51 32.32
C LEU A 5 9.03 0.18 31.65
N ARG A 6 10.10 -0.61 31.46
CA ARG A 6 10.01 -1.97 30.89
C ARG A 6 9.19 -2.91 31.79
N ALA A 7 9.25 -2.71 33.13
CA ALA A 7 8.46 -3.48 34.08
C ALA A 7 6.97 -3.24 33.87
N VAL A 8 6.55 -1.94 33.70
CA VAL A 8 5.15 -1.53 33.46
C VAL A 8 4.63 -2.19 32.19
N LEU A 9 5.45 -2.17 31.13
CA LEU A 9 5.07 -2.71 29.82
C LEU A 9 4.81 -4.18 29.87
N GLU A 10 5.60 -4.92 30.69
CA GLU A 10 5.39 -6.36 30.90
C GLU A 10 4.10 -6.63 31.66
N LYS A 11 3.76 -5.81 32.66
CA LYS A 11 2.50 -5.95 33.41
C LYS A 11 1.30 -5.64 32.51
N LEU A 12 1.43 -4.65 31.62
CA LEU A 12 0.37 -4.31 30.67
C LEU A 12 0.17 -5.44 29.65
N LYS A 13 1.29 -6.13 29.26
CA LYS A 13 1.30 -7.25 28.30
C LYS A 13 0.59 -8.48 28.87
N LEU A 14 0.49 -8.60 30.20
CA LEU A 14 -0.19 -9.73 30.84
C LEU A 14 -1.71 -9.65 30.72
N SER A 15 -2.26 -8.48 30.33
CA SER A 15 -3.70 -8.31 30.10
C SER A 15 -4.12 -8.77 28.67
N ARG A 16 -3.13 -8.97 27.76
CA ARG A 16 -3.35 -9.40 26.37
C ARG A 16 -4.27 -10.66 26.19
N ASP A 17 -4.00 -11.78 26.90
CA ASP A 17 -4.80 -13.03 26.78
C ASP A 17 -6.31 -12.89 27.15
N ASP A 18 -6.64 -12.11 28.21
CA ASP A 18 -8.02 -11.87 28.66
C ASP A 18 -8.82 -11.03 27.65
N ILE A 19 -8.11 -10.14 26.90
CA ILE A 19 -8.67 -9.29 25.84
C ILE A 19 -9.26 -10.19 24.72
N SER A 20 -8.67 -11.39 24.48
CA SER A 20 -9.18 -12.34 23.46
C SER A 20 -10.60 -12.83 23.77
N THR A 21 -10.84 -13.28 25.02
CA THR A 21 -12.17 -13.78 25.45
C THR A 21 -13.22 -12.66 25.40
N ALA A 22 -12.86 -11.48 25.91
CA ALA A 22 -13.72 -10.31 25.93
C ALA A 22 -14.09 -9.86 24.51
N ALA A 23 -13.11 -9.87 23.59
CA ALA A 23 -13.32 -9.55 22.17
C ALA A 23 -14.32 -10.51 21.52
N GLY A 24 -14.33 -11.77 21.96
CA GLY A 24 -15.27 -12.78 21.50
C GLY A 24 -16.73 -12.39 21.78
N MET A 25 -16.99 -11.85 22.98
CA MET A 25 -18.33 -11.39 23.38
C MET A 25 -18.76 -10.20 22.51
N VAL A 26 -17.84 -9.26 22.28
CA VAL A 26 -18.05 -8.06 21.47
C VAL A 26 -18.25 -8.41 19.99
N LYS A 27 -17.47 -9.37 19.43
CA LYS A 27 -17.63 -9.79 18.03
C LYS A 27 -19.04 -10.33 17.82
N GLY A 28 -19.56 -11.05 18.81
CA GLY A 28 -20.91 -11.61 18.76
C GLY A 28 -22.00 -10.58 18.67
N VAL A 29 -21.94 -9.60 19.57
CA VAL A 29 -22.93 -8.51 19.69
C VAL A 29 -22.88 -7.56 18.48
N VAL A 30 -21.69 -7.22 18.03
CA VAL A 30 -21.49 -6.30 16.92
C VAL A 30 -21.96 -6.91 15.59
N ASP A 31 -21.65 -8.21 15.34
CA ASP A 31 -22.08 -8.91 14.11
C ASP A 31 -23.59 -8.95 14.03
N HIS A 32 -24.25 -9.05 15.20
CA HIS A 32 -25.71 -9.05 15.36
C HIS A 32 -26.26 -7.67 15.00
N LEU A 33 -25.71 -6.60 15.61
CA LEU A 33 -26.15 -5.23 15.36
C LEU A 33 -25.96 -4.86 13.90
N LEU A 34 -24.85 -5.26 13.26
CA LEU A 34 -24.63 -4.94 11.86
C LEU A 34 -25.60 -5.68 10.94
N LEU A 35 -25.99 -6.92 11.29
CA LEU A 35 -26.98 -7.69 10.52
C LEU A 35 -28.35 -7.01 10.58
N ARG A 36 -28.77 -6.51 11.76
CA ARG A 36 -30.05 -5.80 11.92
C ARG A 36 -29.99 -4.37 11.35
N LEU A 37 -28.85 -3.68 11.46
CA LEU A 37 -28.72 -2.31 10.94
C LEU A 37 -28.81 -2.29 9.41
N LYS A 38 -28.20 -3.30 8.73
CA LYS A 38 -28.21 -3.45 7.26
C LYS A 38 -29.65 -3.60 6.67
N CYS A 39 -30.64 -3.96 7.52
CA CYS A 39 -32.07 -4.09 7.15
C CYS A 39 -32.69 -2.72 6.83
N ASP A 40 -32.28 -1.67 7.54
CA ASP A 40 -32.82 -0.33 7.30
C ASP A 40 -32.24 0.21 5.98
N SER A 41 -33.06 0.91 5.18
CA SER A 41 -32.65 1.47 3.87
C SER A 41 -31.47 2.41 4.00
N ALA A 42 -31.51 3.26 5.03
CA ALA A 42 -30.48 4.26 5.30
C ALA A 42 -29.10 3.68 5.60
N PHE A 43 -29.05 2.72 6.53
CA PHE A 43 -27.83 2.07 6.98
C PHE A 43 -27.59 0.72 6.23
N ARG A 44 -27.89 0.65 4.93
CA ARG A 44 -27.74 -0.59 4.16
C ARG A 44 -26.27 -0.95 3.95
N GLY A 45 -25.48 0.01 3.48
CA GLY A 45 -24.05 -0.17 3.23
C GLY A 45 -23.14 -0.03 4.44
N VAL A 46 -23.72 -0.25 5.65
CA VAL A 46 -23.00 -0.16 6.92
C VAL A 46 -22.08 -1.37 7.06
N GLY A 47 -20.89 -1.10 7.58
CA GLY A 47 -19.87 -2.09 7.80
C GLY A 47 -18.99 -1.73 8.96
N LEU A 48 -18.14 -2.66 9.34
CA LEU A 48 -17.22 -2.51 10.45
C LEU A 48 -15.96 -1.89 9.90
N LEU A 49 -15.39 -0.82 10.53
CA LEU A 49 -14.18 -0.17 9.97
C LEU A 49 -12.81 -0.96 10.14
N ASN A 50 -12.74 -2.09 10.87
CA ASN A 50 -11.58 -3.02 11.06
C ASN A 50 -10.25 -2.66 11.83
N THR A 51 -10.39 -1.93 12.95
CA THR A 51 -9.28 -1.58 13.85
C THR A 51 -9.34 -2.28 15.27
N GLY A 52 -10.15 -1.71 16.20
CA GLY A 52 -10.34 -2.17 17.57
C GLY A 52 -11.23 -3.38 17.74
N SER A 53 -10.72 -4.35 18.57
CA SER A 53 -11.22 -5.68 18.99
C SER A 53 -10.27 -6.80 18.61
N HIS A 57 -8.40 -1.64 21.27
CA HIS A 57 -8.65 -1.63 22.71
C HIS A 57 -8.93 -0.23 23.26
N VAL A 58 -8.13 0.79 22.83
CA VAL A 58 -8.18 2.26 23.12
C VAL A 58 -7.95 2.74 24.57
N LYS A 59 -7.65 1.82 25.52
CA LYS A 59 -7.36 2.11 26.94
C LYS A 59 -6.47 0.94 27.38
N ILE A 60 -5.17 1.24 27.63
CA ILE A 60 -4.16 0.24 28.00
C ILE A 60 -4.43 -0.46 29.34
N SER A 61 -5.22 0.16 30.23
CA SER A 61 -5.61 -0.41 31.54
C SER A 61 -7.12 -0.72 31.53
N ALA A 62 -7.59 -1.35 30.44
CA ALA A 62 -9.01 -1.61 30.28
C ALA A 62 -9.34 -2.72 29.26
N PRO A 63 -9.15 -4.00 29.64
CA PRO A 63 -9.59 -5.08 28.74
C PRO A 63 -11.12 -5.20 28.65
N ASN A 64 -11.85 -4.60 29.62
CA ASN A 64 -13.31 -4.57 29.68
C ASN A 64 -13.86 -3.28 29.03
N GLU A 65 -13.10 -2.72 28.05
CA GLU A 65 -13.44 -1.51 27.30
C GLU A 65 -12.95 -1.64 25.85
N PHE A 66 -13.89 -1.68 24.90
CA PHE A 66 -13.63 -1.79 23.47
C PHE A 66 -14.31 -0.64 22.70
N ASP A 67 -13.66 -0.19 21.63
CA ASP A 67 -14.16 0.88 20.77
C ASP A 67 -14.36 0.27 19.37
N VAL A 68 -15.55 0.47 18.75
CA VAL A 68 -15.83 -0.01 17.40
C VAL A 68 -16.34 1.15 16.54
N MET A 69 -15.96 1.15 15.26
CA MET A 69 -16.34 2.16 14.30
C MET A 69 -17.14 1.51 13.21
N PHE A 70 -18.28 2.10 12.88
CA PHE A 70 -19.18 1.61 11.85
C PHE A 70 -19.12 2.59 10.69
N LYS A 71 -18.50 2.15 9.57
CA LYS A 71 -18.39 2.96 8.36
C LYS A 71 -19.65 2.82 7.54
N LEU A 72 -20.03 3.89 6.83
CA LEU A 72 -21.18 3.94 5.94
C LEU A 72 -20.73 4.74 4.73
N GLU A 73 -20.59 4.08 3.57
CA GLU A 73 -20.11 4.77 2.39
C GLU A 73 -21.17 5.71 1.87
N VAL A 74 -20.76 6.94 1.60
CA VAL A 74 -21.64 7.97 1.07
C VAL A 74 -21.06 8.34 -0.31
N PRO A 75 -21.93 8.37 -1.36
CA PRO A 75 -21.42 8.45 -2.75
C PRO A 75 -20.75 9.73 -3.33
N ARG A 76 -21.50 10.81 -3.55
CA ARG A 76 -20.98 12.03 -4.16
C ARG A 76 -21.42 13.08 -3.22
N ILE A 77 -20.55 13.45 -2.29
CA ILE A 77 -20.89 14.43 -1.27
C ILE A 77 -20.09 15.69 -1.41
N GLN A 78 -20.67 16.77 -0.92
CA GLN A 78 -20.09 18.09 -0.93
C GLN A 78 -19.95 18.54 0.51
N LEU A 79 -18.76 19.03 0.88
CA LEU A 79 -18.50 19.53 2.22
C LEU A 79 -18.45 21.05 2.23
N GLU A 80 -19.03 21.65 3.28
CA GLU A 80 -19.00 23.10 3.50
C GLU A 80 -18.45 23.31 4.91
N GLU A 81 -17.21 23.85 5.00
CA GLU A 81 -16.53 24.12 6.27
C GLU A 81 -17.34 25.07 7.13
N TYR A 82 -17.62 24.67 8.38
CA TYR A 82 -18.40 25.49 9.31
C TYR A 82 -17.52 26.53 10.01
N SER A 83 -17.93 27.81 9.96
CA SER A 83 -17.36 28.98 10.65
C SER A 83 -15.83 29.03 10.77
N ASN A 84 -15.11 28.74 9.65
CA ASN A 84 -13.64 28.73 9.61
C ASN A 84 -12.98 27.80 10.67
N THR A 85 -13.70 26.73 11.08
CA THR A 85 -13.18 25.67 11.97
C THR A 85 -12.67 24.76 10.90
N ARG A 86 -11.46 24.38 10.95
CA ARG A 86 -10.91 23.64 9.83
C ARG A 86 -11.19 22.14 9.92
N ALA A 87 -11.99 21.73 10.92
CA ALA A 87 -12.30 20.33 11.22
C ALA A 87 -13.75 19.98 11.17
N TYR A 88 -14.64 20.99 11.31
CA TYR A 88 -16.09 20.79 11.33
C TYR A 88 -16.67 21.22 10.02
N TYR A 89 -17.59 20.40 9.51
CA TYR A 89 -18.18 20.54 8.19
C TYR A 89 -19.65 20.19 8.18
N PHE A 90 -20.34 20.68 7.13
CA PHE A 90 -21.74 20.38 6.84
C PHE A 90 -21.71 19.44 5.64
N VAL A 91 -22.47 18.32 5.72
CA VAL A 91 -22.52 17.33 4.65
C VAL A 91 -23.74 17.59 3.76
N LYS A 92 -23.45 18.06 2.53
CA LYS A 92 -24.46 18.36 1.51
C LYS A 92 -24.22 17.39 0.37
N PHE A 93 -25.24 17.18 -0.47
CA PHE A 93 -25.11 16.22 -1.56
C PHE A 93 -25.00 16.90 -2.91
N LYS A 94 -24.15 16.33 -3.79
CA LYS A 94 -23.82 16.89 -5.10
C LYS A 94 -24.78 16.41 -6.21
N ARG A 95 -24.87 15.08 -6.43
CA ARG A 95 -25.73 14.55 -7.51
C ARG A 95 -27.22 14.51 -7.16
N ASN A 96 -28.05 14.44 -8.19
CA ASN A 96 -29.50 14.31 -8.07
C ASN A 96 -29.96 12.85 -8.30
N PRO A 97 -29.54 12.12 -9.37
CA PRO A 97 -30.01 10.72 -9.54
C PRO A 97 -29.03 9.67 -8.97
N LYS A 98 -29.49 8.56 -8.35
CA LYS A 98 -30.89 8.21 -8.06
C LYS A 98 -31.23 8.74 -6.64
N GLU A 99 -32.44 8.47 -6.11
CA GLU A 99 -32.83 8.98 -4.79
C GLU A 99 -31.83 8.53 -3.69
N ASN A 100 -31.50 9.47 -2.79
CA ASN A 100 -30.53 9.28 -1.72
C ASN A 100 -31.14 8.51 -0.49
N PRO A 101 -30.53 7.40 0.01
CA PRO A 101 -31.12 6.66 1.16
C PRO A 101 -31.24 7.44 2.48
N LEU A 102 -30.43 8.49 2.64
CA LEU A 102 -30.38 9.32 3.84
C LEU A 102 -31.31 10.57 3.73
N SER A 103 -32.14 10.67 2.66
CA SER A 103 -33.07 11.78 2.43
C SER A 103 -33.94 12.13 3.65
N GLN A 104 -34.32 11.12 4.42
CA GLN A 104 -35.08 11.23 5.68
C GLN A 104 -34.42 12.09 6.76
N PHE A 105 -33.06 12.18 6.76
CA PHE A 105 -32.28 12.94 7.75
C PHE A 105 -31.88 14.34 7.26
N LEU A 106 -32.27 14.72 6.02
CA LEU A 106 -31.95 16.04 5.48
C LEU A 106 -32.76 17.11 6.22
N GLU A 107 -32.07 18.09 6.85
CA GLU A 107 -32.67 19.25 7.54
C GLU A 107 -32.35 20.44 6.64
N GLY A 108 -32.93 20.40 5.44
CA GLY A 108 -32.73 21.35 4.36
C GLY A 108 -32.01 20.63 3.24
N GLU A 109 -30.90 21.21 2.76
CA GLU A 109 -30.04 20.57 1.76
C GLU A 109 -28.87 19.88 2.51
N ILE A 110 -28.83 20.11 3.85
CA ILE A 110 -27.81 19.65 4.79
C ILE A 110 -28.30 18.40 5.55
N LEU A 111 -27.44 17.36 5.63
CA LEU A 111 -27.72 16.11 6.36
C LEU A 111 -27.59 16.37 7.87
N SER A 112 -28.66 16.09 8.65
CA SER A 112 -28.66 16.29 10.11
C SER A 112 -27.88 15.21 10.81
N ALA A 113 -26.94 15.62 11.69
CA ALA A 113 -26.14 14.71 12.52
C ALA A 113 -27.03 14.10 13.59
N SER A 114 -27.82 14.97 14.23
CA SER A 114 -28.75 14.61 15.29
C SER A 114 -29.80 13.59 14.83
N LYS A 115 -30.48 13.85 13.69
CA LYS A 115 -31.51 12.94 13.15
C LYS A 115 -30.90 11.59 12.70
N MET A 116 -29.67 11.64 12.18
CA MET A 116 -28.90 10.46 11.75
C MET A 116 -28.53 9.60 12.96
N LEU A 117 -27.94 10.23 13.98
CA LEU A 117 -27.51 9.53 15.21
C LEU A 117 -28.70 9.01 16.03
N SER A 118 -29.85 9.71 15.99
CA SER A 118 -31.04 9.30 16.74
C SER A 118 -31.57 7.98 16.19
N LYS A 119 -31.69 7.85 14.84
CA LYS A 119 -32.17 6.63 14.17
C LYS A 119 -31.19 5.49 14.48
N PHE A 120 -29.87 5.80 14.46
CA PHE A 120 -28.78 4.86 14.78
C PHE A 120 -28.94 4.34 16.22
N ARG A 121 -29.11 5.26 17.19
CA ARG A 121 -29.34 4.93 18.60
C ARG A 121 -30.66 4.14 18.77
N LYS A 122 -31.73 4.52 18.03
CA LYS A 122 -33.07 3.88 18.06
C LYS A 122 -33.03 2.42 17.60
N ILE A 123 -32.40 2.13 16.43
CA ILE A 123 -32.29 0.76 15.90
C ILE A 123 -31.44 -0.08 16.88
N ILE A 124 -30.32 0.50 17.40
CA ILE A 124 -29.42 -0.18 18.37
C ILE A 124 -30.18 -0.50 19.67
N LYS A 125 -30.93 0.46 20.23
CA LYS A 125 -31.74 0.22 21.45
C LYS A 125 -32.74 -0.93 21.21
N GLU A 126 -33.40 -0.92 20.03
CA GLU A 126 -34.38 -1.94 19.63
C GLU A 126 -33.77 -3.34 19.47
N GLU A 127 -32.55 -3.43 18.92
CA GLU A 127 -31.92 -4.73 18.70
C GLU A 127 -31.19 -5.28 19.91
N ILE A 128 -30.81 -4.47 20.92
CA ILE A 128 -30.10 -5.02 22.10
C ILE A 128 -31.05 -5.83 23.01
N ASN A 129 -32.36 -5.57 22.95
CA ASN A 129 -33.34 -6.31 23.76
C ASN A 129 -33.58 -7.69 23.11
N ASP A 130 -33.61 -7.73 21.77
CA ASP A 130 -33.82 -8.96 20.99
C ASP A 130 -32.63 -9.96 21.06
N ILE A 131 -31.39 -9.52 21.40
CA ILE A 131 -30.22 -10.42 21.46
C ILE A 131 -30.20 -11.11 22.84
N LYS A 132 -30.29 -12.47 22.82
CA LYS A 132 -30.40 -13.32 24.02
C LYS A 132 -29.10 -14.03 24.45
N ASP A 133 -28.13 -14.24 23.54
CA ASP A 133 -26.86 -14.92 23.85
C ASP A 133 -26.19 -14.40 25.15
N THR A 134 -26.09 -13.07 25.30
CA THR A 134 -25.53 -12.40 26.47
C THR A 134 -26.48 -11.27 26.94
N ASP A 135 -26.27 -10.78 28.18
CA ASP A 135 -27.02 -9.64 28.75
C ASP A 135 -26.37 -8.36 28.20
N VAL A 136 -27.14 -7.52 27.47
CA VAL A 136 -26.60 -6.28 26.90
C VAL A 136 -27.51 -5.11 27.29
N ILE A 137 -26.91 -4.11 27.92
CA ILE A 137 -27.55 -2.89 28.42
C ILE A 137 -26.97 -1.72 27.61
N MET A 138 -27.77 -0.68 27.31
CA MET A 138 -27.29 0.51 26.59
C MET A 138 -27.15 1.68 27.58
N LYS A 139 -25.96 2.27 27.66
CA LYS A 139 -25.64 3.34 28.59
C LYS A 139 -26.03 4.70 28.02
N ARG A 140 -26.55 5.55 28.93
CA ARG A 140 -27.06 6.91 28.75
C ARG A 140 -26.15 7.88 27.95
N LYS A 141 -26.74 8.97 27.44
CA LYS A 141 -26.06 10.01 26.65
C LYS A 141 -25.10 10.87 27.48
N ARG A 142 -23.83 11.03 26.99
CA ARG A 142 -22.78 11.82 27.65
C ARG A 142 -22.16 12.81 26.67
N ALA A 147 -20.61 7.71 20.64
CA ALA A 147 -22.02 7.92 20.33
C ALA A 147 -22.98 6.98 21.10
N VAL A 148 -22.80 5.66 20.98
CA VAL A 148 -23.63 4.65 21.65
C VAL A 148 -22.72 3.75 22.47
N THR A 149 -22.97 3.62 23.77
CA THR A 149 -22.15 2.76 24.61
C THR A 149 -22.98 1.61 25.15
N LEU A 150 -22.48 0.37 24.95
CA LEU A 150 -23.13 -0.86 25.44
C LEU A 150 -22.38 -1.40 26.63
N LEU A 151 -23.02 -2.29 27.39
CA LEU A 151 -22.40 -2.96 28.52
C LEU A 151 -22.76 -4.43 28.41
N ILE A 152 -21.83 -5.25 27.95
CA ILE A 152 -22.07 -6.67 27.77
C ILE A 152 -21.80 -7.41 29.06
N SER A 153 -22.71 -8.33 29.42
CA SER A 153 -22.61 -9.17 30.61
C SER A 153 -22.10 -8.42 31.88
N GLU A 154 -22.49 -7.12 32.05
CA GLU A 154 -22.15 -6.24 33.17
C GLU A 154 -20.65 -5.94 33.38
N LYS A 155 -19.79 -6.20 32.39
CA LYS A 155 -18.36 -5.98 32.51
C LYS A 155 -17.76 -5.24 31.32
N ILE A 156 -18.08 -5.69 30.10
CA ILE A 156 -17.48 -5.16 28.87
C ILE A 156 -18.25 -3.96 28.35
N SER A 157 -17.58 -2.83 28.19
CA SER A 157 -18.23 -1.64 27.65
C SER A 157 -17.84 -1.50 26.17
N VAL A 158 -18.81 -1.24 25.27
CA VAL A 158 -18.47 -1.05 23.85
C VAL A 158 -18.92 0.30 23.36
N ASP A 159 -17.94 1.17 23.03
CA ASP A 159 -18.20 2.50 22.49
C ASP A 159 -18.36 2.31 20.97
N ILE A 160 -19.56 2.59 20.43
CA ILE A 160 -19.88 2.43 19.01
C ILE A 160 -20.06 3.79 18.35
N THR A 161 -19.24 4.08 17.34
CA THR A 161 -19.26 5.35 16.59
C THR A 161 -19.75 5.07 15.18
N LEU A 162 -20.48 6.04 14.61
CA LEU A 162 -20.97 5.98 13.24
C LEU A 162 -20.10 6.96 12.50
N ALA A 163 -19.57 6.56 11.33
CA ALA A 163 -18.69 7.41 10.54
C ALA A 163 -19.04 7.31 9.08
N LEU A 164 -19.21 8.45 8.40
CA LEU A 164 -19.51 8.49 6.98
C LEU A 164 -18.19 8.28 6.26
N GLU A 165 -18.17 7.55 5.14
CA GLU A 165 -16.92 7.32 4.40
C GLU A 165 -16.98 8.10 3.12
N SER A 166 -15.89 8.80 2.75
CA SER A 166 -15.81 9.55 1.51
C SER A 166 -14.53 9.17 0.82
N LYS A 167 -14.64 8.68 -0.41
CA LYS A 167 -13.48 8.32 -1.21
C LYS A 167 -12.97 9.53 -2.02
N SER A 168 -13.45 10.75 -1.70
CA SER A 168 -13.02 11.99 -2.34
C SER A 168 -11.62 12.39 -1.84
N SER A 169 -11.03 13.44 -2.46
CA SER A 169 -9.74 13.98 -2.03
C SER A 169 -9.96 14.69 -0.70
N TRP A 170 -8.97 14.61 0.18
CA TRP A 170 -9.05 15.15 1.53
C TRP A 170 -9.29 16.67 1.52
N PRO A 171 -10.09 17.23 2.45
CA PRO A 171 -10.32 18.68 2.46
C PRO A 171 -9.04 19.51 2.44
N ALA A 172 -9.12 20.78 1.96
CA ALA A 172 -7.96 21.67 1.89
C ALA A 172 -7.26 21.92 3.25
N SER A 173 -7.99 21.82 4.37
CA SER A 173 -7.42 21.99 5.73
C SER A 173 -6.36 20.94 6.11
N THR A 174 -6.31 19.82 5.37
CA THR A 174 -5.36 18.76 5.60
C THR A 174 -4.11 18.89 4.71
N GLN A 175 -4.15 19.76 3.70
CA GLN A 175 -3.11 19.96 2.70
C GLN A 175 -1.70 20.14 3.29
N GLU A 176 -1.56 20.85 4.43
CA GLU A 176 -0.24 21.01 5.07
C GLU A 176 -0.03 20.13 6.33
N GLY A 177 -0.91 19.15 6.55
CA GLY A 177 -0.81 18.21 7.66
C GLY A 177 -0.12 16.93 7.27
N LEU A 178 -0.03 15.96 8.21
CA LEU A 178 0.59 14.66 8.00
C LEU A 178 2.03 14.85 7.49
N ARG A 179 2.88 15.58 8.27
CA ARG A 179 4.27 15.85 7.90
C ARG A 179 5.19 14.67 8.20
N ILE A 180 4.99 13.62 7.41
CA ILE A 180 5.73 12.36 7.50
C ILE A 180 6.79 12.22 6.39
N GLN A 181 7.03 13.27 5.57
CA GLN A 181 7.94 13.20 4.41
C GLN A 181 9.38 12.89 4.79
N ASN A 182 9.91 13.49 5.86
CA ASN A 182 11.28 13.23 6.29
C ASN A 182 11.40 12.00 7.20
N TRP A 183 10.27 11.38 7.61
CA TRP A 183 10.23 10.22 8.49
C TRP A 183 9.78 8.97 7.73
N LEU A 184 8.52 8.94 7.26
CA LEU A 184 7.96 7.80 6.53
C LEU A 184 8.07 7.91 5.00
N SER A 185 8.55 9.07 4.46
CA SER A 185 8.74 9.39 3.04
C SER A 185 7.55 10.09 2.43
N ALA A 186 7.81 10.85 1.36
CA ALA A 186 6.77 11.58 0.65
C ALA A 186 5.96 10.61 -0.20
N LYS A 187 6.61 9.51 -0.64
CA LYS A 187 5.91 8.54 -1.46
C LYS A 187 4.83 7.81 -0.63
N VAL A 188 5.06 7.58 0.67
CA VAL A 188 4.05 7.02 1.61
C VAL A 188 2.94 8.05 1.83
N ARG A 189 3.30 9.33 2.05
CA ARG A 189 2.32 10.40 2.26
C ARG A 189 1.37 10.51 1.08
N LYS A 190 1.89 10.40 -0.16
CA LYS A 190 1.07 10.41 -1.37
C LYS A 190 0.09 9.19 -1.34
N GLN A 191 0.60 7.98 -1.03
CA GLN A 191 -0.20 6.75 -0.99
C GLN A 191 -1.30 6.84 0.05
N LEU A 192 -0.98 7.38 1.23
CA LEU A 192 -1.93 7.49 2.33
C LEU A 192 -3.06 8.47 2.01
N ARG A 193 -2.73 9.65 1.42
CA ARG A 193 -3.74 10.66 1.10
C ARG A 193 -4.73 10.19 0.02
N LEU A 194 -4.32 9.18 -0.80
CA LEU A 194 -5.22 8.61 -1.80
C LEU A 194 -6.31 7.72 -1.17
N LYS A 195 -6.15 7.32 0.09
CA LYS A 195 -7.13 6.52 0.84
C LYS A 195 -8.36 7.37 1.22
N PRO A 196 -9.51 6.78 1.67
CA PRO A 196 -10.66 7.62 2.03
C PRO A 196 -10.44 8.44 3.30
N PHE A 197 -11.47 9.17 3.69
CA PHE A 197 -11.49 9.95 4.91
C PHE A 197 -12.88 9.80 5.52
N TYR A 198 -12.98 9.94 6.82
CA TYR A 198 -14.25 9.73 7.50
C TYR A 198 -14.76 10.98 8.17
N LEU A 199 -16.05 11.00 8.46
CA LEU A 199 -16.71 12.10 9.14
C LEU A 199 -17.56 11.52 10.23
N VAL A 200 -17.26 11.88 11.47
CA VAL A 200 -17.98 11.39 12.64
C VAL A 200 -18.86 12.57 13.10
N PRO A 201 -20.10 12.31 13.55
CA PRO A 201 -20.96 13.43 13.97
C PRO A 201 -20.52 13.99 15.30
N LYS A 202 -19.98 15.21 15.27
CA LYS A 202 -19.54 15.91 16.47
C LYS A 202 -19.98 17.37 16.30
N HIS A 203 -20.74 17.89 17.26
CA HIS A 203 -21.21 19.27 17.18
C HIS A 203 -20.05 20.23 17.61
N ALA A 204 -20.08 21.49 17.13
CA ALA A 204 -19.05 22.48 17.45
C ALA A 204 -19.67 23.64 18.24
N LYS A 205 -18.86 24.31 19.10
CA LYS A 205 -19.26 25.45 19.97
C LYS A 205 -20.19 26.48 19.31
N PHE A 210 -22.38 24.32 20.18
CA PHE A 210 -23.79 23.99 20.07
C PHE A 210 -24.33 23.99 18.60
N GLN A 211 -23.48 23.74 17.59
CA GLN A 211 -23.97 23.62 16.22
C GLN A 211 -24.24 22.15 16.06
N GLU A 212 -25.49 21.74 16.35
CA GLU A 212 -25.90 20.34 16.28
C GLU A 212 -26.25 19.85 14.84
N GLU A 213 -25.44 20.22 13.84
CA GLU A 213 -25.61 19.75 12.46
C GLU A 213 -24.24 19.53 11.75
N THR A 214 -23.12 19.57 12.52
CA THR A 214 -21.78 19.45 11.97
C THR A 214 -21.21 18.04 12.13
N TRP A 215 -20.18 17.77 11.30
CA TRP A 215 -19.43 16.52 11.26
C TRP A 215 -17.95 16.81 11.31
N ARG A 216 -17.20 16.05 12.10
CA ARG A 216 -15.78 16.25 12.24
C ARG A 216 -15.01 15.22 11.43
N LEU A 217 -13.86 15.64 10.89
CA LEU A 217 -13.00 14.75 10.12
C LEU A 217 -12.36 13.70 11.00
N SER A 218 -12.20 12.47 10.47
CA SER A 218 -11.54 11.37 11.17
C SER A 218 -10.55 10.66 10.25
N PHE A 219 -9.33 10.38 10.77
CA PHE A 219 -8.25 9.68 10.07
C PHE A 219 -7.68 8.56 10.95
N SER A 220 -8.57 7.89 11.67
CA SER A 220 -8.29 6.77 12.56
C SER A 220 -7.55 5.65 11.83
N HIS A 221 -7.94 5.39 10.58
CA HIS A 221 -7.34 4.36 9.73
C HIS A 221 -5.86 4.68 9.36
N ILE A 222 -5.54 5.98 9.17
CA ILE A 222 -4.21 6.43 8.80
C ILE A 222 -3.31 6.36 10.03
N GLU A 223 -3.87 6.68 11.20
CA GLU A 223 -3.16 6.61 12.48
C GLU A 223 -2.74 5.18 12.80
N LYS A 224 -3.59 4.20 12.47
CA LYS A 224 -3.29 2.80 12.67
C LYS A 224 -2.19 2.37 11.68
N GLU A 225 -2.32 2.76 10.40
CA GLU A 225 -1.31 2.44 9.40
C GLU A 225 0.04 2.94 9.80
N ILE A 226 0.12 4.22 10.17
CA ILE A 226 1.36 4.86 10.64
C ILE A 226 1.93 4.20 11.91
N LEU A 227 1.08 3.74 12.83
CA LEU A 227 1.57 3.08 14.03
C LEU A 227 2.06 1.67 13.79
N ASN A 228 1.44 0.93 12.89
CA ASN A 228 1.83 -0.47 12.60
C ASN A 228 2.93 -0.58 11.54
N ASN A 229 3.31 0.56 10.91
CA ASN A 229 4.41 0.63 9.94
C ASN A 229 5.00 2.00 10.24
N HIS A 230 5.79 2.06 11.32
CA HIS A 230 6.27 3.29 11.96
C HIS A 230 7.71 3.69 11.79
N GLY A 231 8.53 2.89 11.13
CA GLY A 231 9.95 3.23 11.02
C GLY A 231 10.32 3.90 9.72
N LYS A 232 11.52 4.48 9.67
CA LYS A 232 12.11 5.03 8.44
C LYS A 232 12.51 3.81 7.59
N SER A 233 13.14 2.83 8.23
CA SER A 233 13.52 1.56 7.64
C SER A 233 12.28 0.72 7.53
N LYS A 234 12.12 0.00 6.43
CA LYS A 234 10.98 -0.89 6.22
C LYS A 234 11.04 -2.11 7.16
N THR A 235 12.25 -2.53 7.61
CA THR A 235 12.46 -3.67 8.50
C THR A 235 12.59 -3.22 9.98
N CYS A 236 12.06 -2.03 10.32
CA CYS A 236 12.08 -1.56 11.71
C CYS A 236 11.23 -2.50 12.54
N CYS A 237 11.78 -3.04 13.63
CA CYS A 237 11.16 -3.96 14.57
C CYS A 237 10.87 -5.34 13.95
N GLU A 238 11.71 -5.75 13.01
CA GLU A 238 11.62 -7.08 12.39
C GLU A 238 12.89 -7.91 12.73
N ASN A 239 13.89 -7.29 13.43
CA ASN A 239 15.13 -7.95 13.83
C ASN A 239 15.77 -7.31 15.10
N LYS A 240 16.61 -8.08 15.81
CA LYS A 240 17.29 -7.65 17.06
C LYS A 240 18.08 -6.33 16.91
N GLU A 241 18.77 -6.14 15.76
CA GLU A 241 19.53 -4.92 15.49
C GLU A 241 18.62 -3.70 15.16
N GLU A 242 17.35 -3.93 14.75
CA GLU A 242 16.42 -2.86 14.37
C GLU A 242 15.22 -2.72 15.29
N LYS A 243 15.33 -3.05 16.58
CA LYS A 243 14.18 -2.89 17.51
C LYS A 243 14.15 -1.46 18.08
N CYS A 244 12.97 -0.77 17.97
CA CYS A 244 12.77 0.61 18.47
C CYS A 244 11.79 0.67 19.64
N CYS A 245 11.62 1.86 20.27
CA CYS A 245 10.72 2.05 21.41
C CYS A 245 9.61 3.07 21.16
N ARG A 246 9.18 3.22 19.92
CA ARG A 246 8.12 4.16 19.54
C ARG A 246 6.80 3.72 20.20
N LYS A 247 6.32 2.51 19.87
CA LYS A 247 5.07 1.99 20.41
C LYS A 247 5.02 1.95 21.94
N ASP A 248 6.16 1.60 22.55
CA ASP A 248 6.29 1.55 23.99
C ASP A 248 6.15 2.92 24.62
N CYS A 249 6.69 3.99 23.98
CA CYS A 249 6.52 5.37 24.48
C CYS A 249 5.07 5.74 24.44
N LEU A 250 4.35 5.42 23.34
CA LEU A 250 2.93 5.74 23.24
C LEU A 250 2.13 5.00 24.31
N LYS A 251 2.40 3.69 24.50
CA LYS A 251 1.72 2.89 25.53
C LYS A 251 1.91 3.50 26.92
N LEU A 252 3.13 3.98 27.23
CA LEU A 252 3.47 4.58 28.52
C LEU A 252 2.80 5.98 28.71
N MET A 253 2.73 6.77 27.64
CA MET A 253 2.08 8.09 27.69
C MET A 253 0.57 7.91 27.94
N LYS A 254 -0.03 6.97 27.19
CA LYS A 254 -1.45 6.61 27.32
C LYS A 254 -1.75 6.15 28.76
N TYR A 255 -0.90 5.27 29.30
CA TYR A 255 -1.05 4.72 30.65
C TYR A 255 -0.85 5.81 31.71
N LEU A 256 0.10 6.74 31.49
CA LEU A 256 0.33 7.86 32.41
C LEU A 256 -0.97 8.69 32.59
N LEU A 257 -1.63 9.04 31.48
CA LEU A 257 -2.88 9.82 31.51
C LEU A 257 -4.05 9.02 32.12
N GLU A 258 -4.17 7.72 31.79
CA GLU A 258 -5.23 6.86 32.29
C GLU A 258 -5.14 6.74 33.82
N GLN A 259 -3.91 6.53 34.35
CA GLN A 259 -3.69 6.40 35.78
C GLN A 259 -3.99 7.69 36.53
N LEU A 260 -3.57 8.85 35.97
CA LEU A 260 -3.83 10.17 36.59
C LEU A 260 -5.32 10.50 36.49
N LYS A 261 -5.97 10.16 35.36
CA LYS A 261 -7.40 10.40 35.20
C LYS A 261 -8.22 9.60 36.22
N GLU A 262 -7.77 8.36 36.52
CA GLU A 262 -8.40 7.47 37.50
C GLU A 262 -8.17 8.02 38.92
N ARG A 263 -6.93 8.46 39.22
CA ARG A 263 -6.55 9.04 40.51
C ARG A 263 -7.41 10.26 40.88
N PHE A 264 -7.71 11.14 39.90
CA PHE A 264 -8.49 12.37 40.11
C PHE A 264 -9.86 12.34 39.39
N LYS A 265 -10.54 11.18 39.37
CA LYS A 265 -11.86 11.06 38.75
C LYS A 265 -12.91 11.93 39.46
N ASP A 266 -12.87 11.96 40.82
CA ASP A 266 -13.81 12.76 41.61
C ASP A 266 -13.57 14.29 41.52
N LYS A 267 -12.39 14.72 41.04
CA LYS A 267 -12.05 16.15 40.89
C LYS A 267 -12.66 16.81 39.64
N LYS A 268 -12.81 16.06 38.52
CA LYS A 268 -13.42 16.47 37.23
C LYS A 268 -12.53 17.33 36.28
N HIS A 269 -11.26 17.67 36.64
CA HIS A 269 -10.41 18.51 35.75
C HIS A 269 -9.97 17.78 34.50
N LEU A 270 -9.39 16.58 34.71
CA LEU A 270 -8.81 15.76 33.66
C LEU A 270 -9.83 15.05 32.74
N ASP A 271 -11.14 15.26 32.95
CA ASP A 271 -12.19 14.66 32.14
C ASP A 271 -12.08 15.05 30.68
N LYS A 272 -11.66 16.30 30.40
CA LYS A 272 -11.53 16.78 29.00
C LYS A 272 -10.28 16.20 28.23
N PHE A 273 -9.29 15.60 28.91
CA PHE A 273 -8.12 15.06 28.26
C PHE A 273 -8.38 13.63 27.83
N SER A 274 -7.87 13.24 26.67
CA SER A 274 -8.08 11.90 26.13
C SER A 274 -6.80 11.34 25.58
N SER A 275 -6.83 10.04 25.27
CA SER A 275 -5.71 9.35 24.67
C SER A 275 -5.40 9.96 23.29
N TYR A 276 -6.38 10.64 22.64
CA TYR A 276 -6.13 11.31 21.37
C TYR A 276 -5.13 12.45 21.50
N HIS A 277 -5.15 13.17 22.62
CA HIS A 277 -4.21 14.25 22.87
C HIS A 277 -2.80 13.71 22.97
N VAL A 278 -2.65 12.61 23.72
CA VAL A 278 -1.41 11.86 23.92
C VAL A 278 -0.85 11.33 22.57
N LYS A 279 -1.72 10.72 21.77
CA LYS A 279 -1.41 10.14 20.47
C LYS A 279 -0.99 11.22 19.45
N THR A 280 -1.72 12.35 19.41
CA THR A 280 -1.38 13.49 18.53
C THR A 280 0.00 14.01 18.91
N ALA A 281 0.22 14.25 20.20
CA ALA A 281 1.50 14.74 20.67
C ALA A 281 2.61 13.74 20.33
N PHE A 282 2.33 12.42 20.42
CA PHE A 282 3.30 11.37 20.07
C PHE A 282 3.71 11.45 18.60
N PHE A 283 2.74 11.61 17.68
CA PHE A 283 3.05 11.76 16.25
C PHE A 283 3.89 13.02 15.98
N HIS A 284 3.71 14.09 16.77
CA HIS A 284 4.51 15.30 16.60
C HIS A 284 5.95 15.08 16.97
N VAL A 285 6.18 14.20 17.96
CA VAL A 285 7.53 13.85 18.45
C VAL A 285 8.18 12.93 17.42
N CYS A 286 7.39 12.09 16.73
CA CYS A 286 7.87 11.21 15.66
C CYS A 286 8.36 12.05 14.45
N THR A 287 7.65 13.16 14.17
CA THR A 287 8.04 14.09 13.10
C THR A 287 9.33 14.82 13.50
N GLN A 288 9.48 15.15 14.79
CA GLN A 288 10.70 15.81 15.31
C GLN A 288 11.92 14.89 15.31
N ASN A 289 11.71 13.58 15.50
CA ASN A 289 12.78 12.59 15.58
C ASN A 289 12.52 11.53 14.49
N PRO A 290 12.85 11.86 13.20
CA PRO A 290 12.53 10.95 12.08
C PRO A 290 13.36 9.68 11.96
N GLN A 291 14.54 9.66 12.60
CA GLN A 291 15.45 8.53 12.54
C GLN A 291 15.13 7.43 13.53
N ASP A 292 15.20 6.18 13.12
CA ASP A 292 14.98 5.01 13.97
C ASP A 292 16.04 4.96 15.11
N SER A 293 17.24 5.52 14.87
CA SER A 293 18.35 5.62 15.82
C SER A 293 17.97 6.51 17.00
N GLN A 294 17.03 7.46 16.76
CA GLN A 294 16.53 8.31 17.82
C GLN A 294 15.53 7.59 18.73
N TRP A 295 15.06 6.38 18.32
CA TRP A 295 14.13 5.54 19.06
C TRP A 295 14.71 4.20 19.46
N ASP A 296 16.00 4.16 19.79
CA ASP A 296 16.67 2.92 20.20
C ASP A 296 16.08 2.35 21.49
N ARG A 297 15.91 1.01 21.52
CA ARG A 297 15.36 0.26 22.66
C ARG A 297 16.10 0.59 23.96
N LYS A 298 17.42 0.75 23.87
CA LYS A 298 18.25 1.10 25.03
C LYS A 298 17.95 2.51 25.58
N ASP A 299 17.47 3.41 24.70
CA ASP A 299 17.17 4.80 25.05
C ASP A 299 15.68 5.05 25.45
N LEU A 300 14.89 3.99 25.75
CA LEU A 300 13.48 4.12 26.14
C LEU A 300 13.20 5.19 27.18
N GLY A 301 14.05 5.28 28.19
CA GLY A 301 13.88 6.24 29.27
C GLY A 301 14.02 7.67 28.81
N LEU A 302 14.99 7.90 27.96
CA LEU A 302 15.27 9.20 27.37
C LEU A 302 14.21 9.58 26.33
N CYS A 303 13.75 8.60 25.53
CA CYS A 303 12.69 8.80 24.54
C CYS A 303 11.36 9.17 25.20
N PHE A 304 11.00 8.43 26.30
CA PHE A 304 9.75 8.70 27.02
C PHE A 304 9.81 10.06 27.68
N ASP A 305 11.00 10.50 28.13
CA ASP A 305 11.17 11.82 28.75
C ASP A 305 10.95 12.96 27.74
N ASN A 306 11.28 12.75 26.44
CA ASN A 306 11.04 13.76 25.39
C ASN A 306 9.55 13.85 25.16
N CYS A 307 8.86 12.70 25.15
CA CYS A 307 7.41 12.62 24.94
C CYS A 307 6.71 13.37 26.07
N VAL A 308 7.07 13.09 27.35
CA VAL A 308 6.50 13.75 28.54
C VAL A 308 6.72 15.27 28.39
N THR A 309 7.97 15.63 28.09
CA THR A 309 8.43 17.03 27.92
C THR A 309 7.70 17.79 26.81
N TYR A 310 7.49 17.16 25.64
CA TYR A 310 6.76 17.78 24.53
C TYR A 310 5.31 17.97 24.95
N PHE A 311 4.70 16.94 25.54
CA PHE A 311 3.32 17.01 26.00
C PHE A 311 3.10 18.15 26.97
N LEU A 312 4.03 18.34 27.89
CA LEU A 312 3.96 19.42 28.87
C LEU A 312 4.08 20.79 28.23
N GLN A 313 4.91 20.91 27.16
CA GLN A 313 5.07 22.18 26.45
C GLN A 313 3.75 22.56 25.81
N CYS A 314 3.04 21.58 25.22
CA CYS A 314 1.73 21.77 24.63
C CYS A 314 0.71 22.26 25.67
N LEU A 315 0.73 21.68 26.88
CA LEU A 315 -0.15 22.08 27.97
C LEU A 315 0.16 23.53 28.42
N ARG A 316 1.46 23.89 28.57
CA ARG A 316 1.87 25.24 29.02
C ARG A 316 1.55 26.28 28.01
N THR A 317 1.91 26.02 26.76
CA THR A 317 1.72 26.96 25.65
C THR A 317 0.28 26.95 25.11
N GLU A 318 -0.59 26.02 25.57
CA GLU A 318 -1.99 25.88 25.15
C GLU A 318 -2.04 25.68 23.63
N LYS A 319 -1.13 24.82 23.11
CA LYS A 319 -0.97 24.57 21.68
C LYS A 319 -0.66 23.11 21.38
N LEU A 320 -1.67 22.35 20.91
CA LEU A 320 -1.49 20.97 20.44
C LEU A 320 -2.24 20.91 19.13
N GLU A 321 -1.52 21.02 17.98
CA GLU A 321 -2.23 20.97 16.70
C GLU A 321 -2.56 19.56 16.27
N ASN A 322 -3.73 19.41 15.65
CA ASN A 322 -4.17 18.15 15.06
C ASN A 322 -3.12 17.74 14.01
N TYR A 323 -2.68 16.49 14.05
CA TYR A 323 -1.63 15.99 13.14
C TYR A 323 -1.96 16.08 11.64
N PHE A 324 -3.27 16.04 11.30
CA PHE A 324 -3.79 16.09 9.95
C PHE A 324 -4.31 17.46 9.58
N ILE A 325 -4.82 18.25 10.55
CA ILE A 325 -5.37 19.61 10.35
C ILE A 325 -4.52 20.59 11.20
N PRO A 326 -3.43 21.11 10.61
CA PRO A 326 -2.52 21.98 11.39
C PRO A 326 -3.17 23.17 12.07
N GLU A 327 -4.17 23.79 11.43
CA GLU A 327 -4.84 24.95 12.00
C GLU A 327 -5.81 24.64 13.16
N PHE A 328 -6.16 23.36 13.37
CA PHE A 328 -7.03 22.97 14.48
C PHE A 328 -6.20 22.70 15.73
N ASN A 329 -6.42 23.46 16.81
CA ASN A 329 -5.72 23.33 18.08
C ASN A 329 -6.57 22.60 19.10
N LEU A 330 -6.17 21.39 19.43
CA LEU A 330 -6.88 20.54 20.40
C LEU A 330 -6.83 21.11 21.83
N PHE A 331 -5.82 21.93 22.12
CA PHE A 331 -5.58 22.56 23.44
C PHE A 331 -5.95 24.03 23.50
N SER A 332 -6.83 24.46 22.61
CA SER A 332 -7.42 25.81 22.60
C SER A 332 -8.08 26.10 23.95
N SER A 333 -8.03 27.36 24.40
CA SER A 333 -8.67 27.81 25.67
C SER A 333 -10.19 27.61 25.61
N ASN A 334 -10.74 27.66 24.41
CA ASN A 334 -12.15 27.46 24.18
C ASN A 334 -12.57 25.99 24.37
N LEU A 335 -11.62 25.04 24.23
CA LEU A 335 -11.88 23.60 24.41
C LEU A 335 -11.52 23.11 25.81
N ILE A 336 -10.35 23.52 26.31
CA ILE A 336 -9.86 23.11 27.63
C ILE A 336 -9.40 24.37 28.33
N ASP A 337 -9.95 24.63 29.52
CA ASP A 337 -9.59 25.83 30.30
C ASP A 337 -8.19 25.70 30.84
N LYS A 338 -7.52 26.84 30.97
CA LYS A 338 -6.14 26.94 31.44
C LYS A 338 -5.92 26.25 32.78
N ARG A 339 -6.85 26.41 33.76
CA ARG A 339 -6.69 25.78 35.09
C ARG A 339 -6.62 24.25 35.01
N SER A 340 -7.29 23.62 34.03
CA SER A 340 -7.25 22.17 33.82
C SER A 340 -5.91 21.73 33.26
N LYS A 341 -5.35 22.49 32.32
CA LYS A 341 -4.03 22.19 31.75
C LYS A 341 -2.96 22.38 32.82
N GLU A 342 -3.13 23.39 33.70
CA GLU A 342 -2.21 23.66 34.80
C GLU A 342 -2.22 22.55 35.85
N PHE A 343 -3.38 21.93 36.08
CA PHE A 343 -3.51 20.83 37.03
C PHE A 343 -2.81 19.61 36.46
N LEU A 344 -3.03 19.30 35.17
CA LEU A 344 -2.38 18.16 34.50
C LEU A 344 -0.89 18.38 34.43
N THR A 345 -0.43 19.64 34.25
CA THR A 345 1.00 19.95 34.25
C THR A 345 1.58 19.66 35.63
N LYS A 346 0.95 20.18 36.68
CA LYS A 346 1.36 19.95 38.08
C LYS A 346 1.57 18.47 38.38
N GLN A 347 0.60 17.64 38.01
CA GLN A 347 0.60 16.20 38.26
C GLN A 347 1.63 15.45 37.46
N ILE A 348 1.79 15.74 36.16
CA ILE A 348 2.79 15.06 35.32
C ILE A 348 4.19 15.42 35.79
N GLU A 349 4.42 16.69 36.16
CA GLU A 349 5.74 17.12 36.64
C GLU A 349 6.11 16.45 37.93
N TYR A 350 5.14 16.33 38.87
CA TYR A 350 5.36 15.62 40.15
C TYR A 350 5.75 14.17 39.89
N GLU A 351 5.01 13.50 39.00
CA GLU A 351 5.25 12.11 38.62
C GLU A 351 6.66 11.93 38.07
N ARG A 352 7.05 12.77 37.10
CA ARG A 352 8.38 12.73 36.49
C ARG A 352 9.49 12.98 37.51
N ASN A 353 9.22 13.83 38.51
CA ASN A 353 10.18 14.17 39.56
C ASN A 353 10.30 13.12 40.64
N ASN A 354 9.33 12.20 40.75
CA ASN A 354 9.36 11.18 41.80
C ASN A 354 9.40 9.76 41.25
N GLU A 355 10.03 9.60 40.07
CA GLU A 355 10.21 8.32 39.39
C GLU A 355 8.88 7.59 39.13
N PHE A 356 7.86 8.35 38.72
CA PHE A 356 6.50 7.89 38.35
C PHE A 356 5.82 6.95 39.37
N PRO A 357 5.46 7.49 40.55
CA PRO A 357 4.77 6.64 41.53
C PRO A 357 3.41 6.11 41.07
N VAL A 358 2.69 6.84 40.18
CA VAL A 358 1.37 6.45 39.67
C VAL A 358 1.42 5.20 38.81
N PHE A 359 2.63 4.74 38.44
CA PHE A 359 2.78 3.51 37.66
C PHE A 359 2.53 2.28 38.52
N ASP A 360 2.95 2.32 39.79
CA ASP A 360 2.71 1.24 40.77
C ASP A 360 1.23 1.33 41.29
N GLU A 361 0.25 1.14 40.34
CA GLU A 361 -1.23 1.24 40.48
C GLU A 361 -1.74 2.21 41.60
N PHE A 362 -1.25 3.49 41.58
CA PHE A 362 -1.60 4.54 42.56
C PHE A 362 -2.40 5.67 41.90
N GLY B 1 36.16 2.42 -11.07
CA GLY B 1 35.96 3.50 -12.04
C GLY B 1 34.53 3.57 -12.52
N ALA B 2 33.78 4.64 -12.12
CA ALA B 2 32.37 4.86 -12.47
C ALA B 2 32.17 5.95 -13.50
N SER B 3 33.23 6.70 -13.86
CA SER B 3 33.16 7.85 -14.77
C SER B 3 32.51 7.50 -16.11
N LYS B 4 33.03 6.48 -16.79
CA LYS B 4 32.51 6.05 -18.09
C LYS B 4 31.07 5.48 -17.91
N LEU B 5 30.75 4.92 -16.71
CA LEU B 5 29.43 4.37 -16.44
C LEU B 5 28.45 5.51 -16.32
N ARG B 6 28.80 6.53 -15.53
CA ARG B 6 27.99 7.76 -15.37
C ARG B 6 27.84 8.51 -16.70
N ALA B 7 28.87 8.47 -17.57
CA ALA B 7 28.83 9.08 -18.89
C ALA B 7 27.76 8.42 -19.76
N VAL B 8 27.71 7.05 -19.78
CA VAL B 8 26.72 6.25 -20.55
C VAL B 8 25.30 6.61 -20.09
N LEU B 9 25.10 6.69 -18.76
CA LEU B 9 23.80 6.98 -18.17
C LEU B 9 23.28 8.32 -18.59
N GLU B 10 24.17 9.34 -18.69
CA GLU B 10 23.83 10.69 -19.15
C GLU B 10 23.41 10.65 -20.63
N LYS B 11 24.12 9.88 -21.48
CA LYS B 11 23.77 9.75 -22.90
C LYS B 11 22.41 9.03 -23.07
N LEU B 12 22.13 8.03 -22.22
CA LEU B 12 20.85 7.33 -22.25
C LEU B 12 19.71 8.26 -21.79
N LYS B 13 20.02 9.18 -20.83
CA LYS B 13 19.07 10.16 -20.27
C LYS B 13 18.67 11.22 -21.32
N LEU B 14 19.50 11.43 -22.34
CA LEU B 14 19.22 12.39 -23.40
C LEU B 14 18.13 11.89 -24.36
N SER B 15 17.77 10.60 -24.32
CA SER B 15 16.69 10.04 -25.14
C SER B 15 15.30 10.24 -24.46
N ARG B 16 15.28 10.59 -23.15
CA ARG B 16 14.06 10.81 -22.35
C ARG B 16 13.01 11.77 -22.96
N ASP B 17 13.41 12.99 -23.40
CA ASP B 17 12.48 13.99 -23.99
C ASP B 17 11.73 13.51 -25.28
N ASP B 18 12.43 12.79 -26.18
CA ASP B 18 11.84 12.26 -27.43
C ASP B 18 10.82 11.13 -27.15
N ILE B 19 11.02 10.38 -26.04
CA ILE B 19 10.12 9.31 -25.56
C ILE B 19 8.75 9.89 -25.19
N SER B 20 8.67 11.21 -24.80
CA SER B 20 7.39 11.88 -24.48
C SER B 20 6.50 12.02 -25.72
N THR B 21 7.08 12.52 -26.84
CA THR B 21 6.32 12.72 -28.11
C THR B 21 5.85 11.38 -28.68
N ALA B 22 6.75 10.38 -28.69
CA ALA B 22 6.48 9.05 -29.18
C ALA B 22 5.37 8.37 -28.37
N ALA B 23 5.42 8.53 -27.02
CA ALA B 23 4.40 8.00 -26.11
C ALA B 23 3.02 8.60 -26.41
N GLY B 24 2.99 9.87 -26.85
CA GLY B 24 1.77 10.56 -27.25
C GLY B 24 1.05 9.87 -28.40
N MET B 25 1.82 9.42 -29.40
CA MET B 25 1.28 8.69 -30.56
C MET B 25 0.69 7.34 -30.11
N VAL B 26 1.42 6.64 -29.24
CA VAL B 26 1.03 5.34 -28.69
C VAL B 26 -0.20 5.45 -27.80
N LYS B 27 -0.28 6.50 -26.94
CA LYS B 27 -1.45 6.70 -26.06
C LYS B 27 -2.70 6.86 -26.90
N GLY B 28 -2.58 7.54 -28.05
CA GLY B 28 -3.69 7.75 -28.96
C GLY B 28 -4.24 6.48 -29.56
N VAL B 29 -3.34 5.64 -30.11
CA VAL B 29 -3.67 4.38 -30.79
C VAL B 29 -4.21 3.34 -29.80
N VAL B 30 -3.59 3.25 -28.61
CA VAL B 30 -3.98 2.28 -27.57
C VAL B 30 -5.37 2.60 -26.97
N ASP B 31 -5.64 3.90 -26.69
CA ASP B 31 -6.95 4.34 -26.15
C ASP B 31 -8.07 3.99 -27.14
N HIS B 32 -7.76 4.06 -28.44
CA HIS B 32 -8.66 3.72 -29.54
C HIS B 32 -8.94 2.22 -29.53
N LEU B 33 -7.86 1.39 -29.52
CA LEU B 33 -7.99 -0.06 -29.52
C LEU B 33 -8.75 -0.54 -28.30
N LEU B 34 -8.52 0.04 -27.11
CA LEU B 34 -9.24 -0.37 -25.91
C LEU B 34 -10.73 0.00 -25.96
N LEU B 35 -11.07 1.14 -26.59
CA LEU B 35 -12.47 1.55 -26.76
C LEU B 35 -13.20 0.57 -27.69
N ARG B 36 -12.56 0.12 -28.79
CA ARG B 36 -13.15 -0.85 -29.71
C ARG B 36 -13.13 -2.29 -29.15
N LEU B 37 -12.10 -2.66 -28.37
CA LEU B 37 -12.02 -4.00 -27.78
C LEU B 37 -13.11 -4.23 -26.74
N LYS B 38 -13.41 -3.18 -25.92
CA LYS B 38 -14.46 -3.21 -24.88
C LYS B 38 -15.88 -3.48 -25.44
N CYS B 39 -16.09 -3.29 -26.78
CA CYS B 39 -17.35 -3.55 -27.49
C CYS B 39 -17.64 -5.05 -27.57
N ASP B 40 -16.61 -5.89 -27.70
CA ASP B 40 -16.81 -7.33 -27.77
C ASP B 40 -17.17 -7.87 -26.37
N SER B 41 -18.09 -8.84 -26.29
CA SER B 41 -18.56 -9.41 -25.02
C SER B 41 -17.43 -10.01 -24.22
N ALA B 42 -16.54 -10.73 -24.92
CA ALA B 42 -15.39 -11.42 -24.32
C ALA B 42 -14.39 -10.47 -23.63
N PHE B 43 -13.96 -9.44 -24.37
CA PHE B 43 -12.98 -8.45 -23.91
C PHE B 43 -13.66 -7.19 -23.34
N ARG B 44 -14.77 -7.34 -22.59
CA ARG B 44 -15.51 -6.19 -22.04
C ARG B 44 -14.75 -5.49 -20.94
N GLY B 45 -14.27 -6.27 -19.96
CA GLY B 45 -13.51 -5.77 -18.82
C GLY B 45 -12.02 -5.55 -19.07
N VAL B 46 -11.65 -5.34 -20.36
CA VAL B 46 -10.28 -5.11 -20.77
C VAL B 46 -9.84 -3.71 -20.36
N GLY B 47 -8.60 -3.63 -19.91
CA GLY B 47 -7.98 -2.39 -19.46
C GLY B 47 -6.49 -2.41 -19.68
N LEU B 48 -5.83 -1.27 -19.50
CA LEU B 48 -4.39 -1.11 -19.69
C LEU B 48 -3.70 -1.25 -18.32
N LEU B 49 -2.64 -2.12 -18.19
CA LEU B 49 -1.87 -2.33 -16.94
C LEU B 49 -0.66 -1.38 -16.73
N ASN B 50 -0.52 -0.36 -17.61
CA ASN B 50 0.35 0.86 -17.64
C ASN B 50 1.89 0.95 -17.73
N THR B 51 2.43 0.25 -18.74
CA THR B 51 3.84 0.21 -19.15
C THR B 51 4.40 1.29 -20.16
N GLY B 52 3.50 2.06 -20.80
CA GLY B 52 3.84 3.07 -21.80
C GLY B 52 4.51 4.37 -21.37
N SER B 53 5.11 4.38 -20.14
CA SER B 53 5.83 5.52 -19.57
C SER B 53 7.13 5.80 -20.32
N LYS B 59 13.68 -1.65 -23.89
CA LYS B 59 14.99 -1.45 -24.49
C LYS B 59 15.54 -0.01 -24.24
N ILE B 60 16.59 0.11 -23.36
CA ILE B 60 17.23 1.41 -23.01
C ILE B 60 17.81 2.17 -24.23
N SER B 61 18.09 1.46 -25.34
CA SER B 61 18.60 2.02 -26.59
C SER B 61 17.51 1.89 -27.70
N ALA B 62 16.20 2.26 -27.41
CA ALA B 62 15.08 2.16 -28.38
C ALA B 62 13.84 3.03 -28.00
N PRO B 63 13.88 4.35 -28.28
CA PRO B 63 12.71 5.21 -27.99
C PRO B 63 11.52 4.99 -28.94
N ASN B 64 11.77 4.38 -30.11
CA ASN B 64 10.78 4.02 -31.12
C ASN B 64 10.29 2.57 -30.92
N GLU B 65 10.29 2.10 -29.66
CA GLU B 65 9.85 0.77 -29.25
C GLU B 65 9.19 0.86 -27.86
N PHE B 66 7.88 0.57 -27.81
CA PHE B 66 7.06 0.59 -26.60
C PHE B 66 6.36 -0.76 -26.40
N ASP B 67 6.19 -1.17 -25.14
CA ASP B 67 5.51 -2.41 -24.76
C ASP B 67 4.28 -2.02 -23.94
N VAL B 68 3.09 -2.57 -24.28
CA VAL B 68 1.86 -2.32 -23.53
C VAL B 68 1.21 -3.66 -23.14
N MET B 69 0.61 -3.69 -21.96
CA MET B 69 -0.06 -4.87 -21.42
C MET B 69 -1.53 -4.55 -21.25
N PHE B 70 -2.38 -5.47 -21.72
CA PHE B 70 -3.81 -5.35 -21.64
C PHE B 70 -4.32 -6.40 -20.66
N LYS B 71 -4.80 -5.94 -19.48
CA LYS B 71 -5.33 -6.83 -18.44
C LYS B 71 -6.80 -7.11 -18.72
N LEU B 72 -7.28 -8.29 -18.34
CA LEU B 72 -8.68 -8.71 -18.48
C LEU B 72 -9.00 -9.51 -17.24
N GLU B 73 -9.87 -8.99 -16.36
CA GLU B 73 -10.18 -9.71 -15.12
C GLU B 73 -11.05 -10.94 -15.36
N VAL B 74 -10.57 -12.12 -14.88
CA VAL B 74 -11.29 -13.39 -14.99
C VAL B 74 -11.74 -13.81 -13.57
N PRO B 75 -13.07 -14.04 -13.36
CA PRO B 75 -13.64 -14.17 -12.00
C PRO B 75 -13.23 -15.29 -11.03
N ARG B 76 -13.58 -16.56 -11.32
CA ARG B 76 -13.33 -17.66 -10.41
C ARG B 76 -12.67 -18.71 -11.22
N ILE B 77 -11.38 -18.53 -11.46
CA ILE B 77 -10.64 -19.44 -12.29
C ILE B 77 -9.84 -20.44 -11.46
N GLN B 78 -9.75 -21.65 -11.99
CA GLN B 78 -9.03 -22.75 -11.40
C GLN B 78 -7.83 -23.00 -12.29
N LEU B 79 -6.64 -23.13 -11.68
CA LEU B 79 -5.41 -23.39 -12.42
C LEU B 79 -4.96 -24.84 -12.25
N GLU B 80 -4.46 -25.44 -13.33
CA GLU B 80 -3.93 -26.79 -13.33
C GLU B 80 -2.52 -26.70 -13.92
N GLU B 81 -1.48 -26.89 -13.08
CA GLU B 81 -0.08 -26.82 -13.48
C GLU B 81 0.22 -27.84 -14.57
N TYR B 82 0.80 -27.39 -15.69
CA TYR B 82 1.13 -28.27 -16.82
C TYR B 82 2.48 -28.95 -16.61
N SER B 83 2.51 -30.30 -16.72
CA SER B 83 3.67 -31.19 -16.71
C SER B 83 4.79 -30.85 -15.71
N ASN B 84 4.42 -30.51 -14.46
CA ASN B 84 5.39 -30.14 -13.40
C ASN B 84 6.32 -28.95 -13.79
N THR B 85 5.85 -28.06 -14.69
CA THR B 85 6.54 -26.82 -15.06
C THR B 85 5.90 -25.93 -14.02
N ARG B 86 6.68 -25.27 -13.23
CA ARG B 86 6.09 -24.55 -12.12
C ARG B 86 5.56 -23.16 -12.53
N ALA B 87 5.61 -22.85 -13.84
CA ALA B 87 5.26 -21.57 -14.43
C ALA B 87 4.13 -21.61 -15.45
N TYR B 88 3.88 -22.77 -16.07
CA TYR B 88 2.87 -22.92 -17.11
C TYR B 88 1.68 -23.63 -16.52
N TYR B 89 0.48 -23.15 -16.90
CA TYR B 89 -0.80 -23.59 -16.36
C TYR B 89 -1.90 -23.64 -17.41
N PHE B 90 -2.95 -24.41 -17.10
CA PHE B 90 -4.18 -24.51 -17.88
C PHE B 90 -5.23 -23.74 -17.11
N VAL B 91 -5.98 -22.86 -17.78
CA VAL B 91 -7.01 -22.04 -17.15
C VAL B 91 -8.40 -22.68 -17.31
N LYS B 92 -8.97 -23.09 -16.17
CA LYS B 92 -10.30 -23.67 -16.04
C LYS B 92 -11.14 -22.65 -15.25
N PHE B 93 -12.46 -22.83 -15.21
CA PHE B 93 -13.36 -21.95 -14.46
C PHE B 93 -14.08 -22.74 -13.36
N LYS B 94 -14.25 -22.12 -12.18
CA LYS B 94 -14.84 -22.79 -11.01
C LYS B 94 -16.39 -22.80 -10.98
N ARG B 95 -17.03 -21.63 -10.80
CA ARG B 95 -18.50 -21.54 -10.68
C ARG B 95 -19.23 -21.82 -11.99
N ASN B 96 -20.54 -22.11 -11.87
CA ASN B 96 -21.42 -22.33 -13.01
C ASN B 96 -22.26 -21.07 -13.33
N PRO B 97 -22.95 -20.38 -12.37
CA PRO B 97 -23.72 -19.18 -12.73
C PRO B 97 -22.93 -17.86 -12.53
N LYS B 98 -23.05 -16.84 -13.42
CA LYS B 98 -23.86 -16.81 -14.65
C LYS B 98 -22.96 -17.26 -15.83
N GLU B 99 -23.47 -17.23 -17.09
CA GLU B 99 -22.68 -17.68 -18.24
C GLU B 99 -21.36 -16.89 -18.37
N ASN B 100 -20.28 -17.60 -18.70
CA ASN B 100 -18.93 -17.05 -18.83
C ASN B 100 -18.71 -16.32 -20.21
N PRO B 101 -18.23 -15.04 -20.25
CA PRO B 101 -18.04 -14.36 -21.55
C PRO B 101 -17.00 -14.98 -22.51
N LEU B 102 -16.07 -15.77 -21.96
CA LEU B 102 -15.01 -16.42 -22.72
C LEU B 102 -15.38 -17.86 -23.15
N SER B 103 -16.66 -18.29 -22.95
CA SER B 103 -17.15 -19.63 -23.30
C SER B 103 -16.83 -20.05 -24.75
N GLN B 104 -16.84 -19.08 -25.66
CA GLN B 104 -16.47 -19.23 -27.08
C GLN B 104 -15.04 -19.77 -27.33
N PHE B 105 -14.10 -19.52 -26.39
CA PHE B 105 -12.69 -19.94 -26.50
C PHE B 105 -12.40 -21.24 -25.73
N LEU B 106 -13.40 -21.84 -25.06
CA LEU B 106 -13.20 -23.09 -24.33
C LEU B 106 -12.98 -24.25 -25.32
N GLU B 107 -11.82 -24.93 -25.20
CA GLU B 107 -11.46 -26.12 -26.01
C GLU B 107 -11.54 -27.29 -25.02
N GLY B 108 -12.77 -27.53 -24.56
CA GLY B 108 -13.11 -28.52 -23.55
C GLY B 108 -13.57 -27.78 -22.32
N GLU B 109 -12.98 -28.11 -21.16
CA GLU B 109 -13.23 -27.41 -19.90
C GLU B 109 -12.10 -26.36 -19.72
N ILE B 110 -11.10 -26.40 -20.64
CA ILE B 110 -9.89 -25.60 -20.67
C ILE B 110 -10.04 -24.43 -21.66
N LEU B 111 -9.66 -23.21 -21.24
CA LEU B 111 -9.69 -22.00 -22.07
C LEU B 111 -8.50 -22.04 -23.05
N SER B 112 -8.78 -21.95 -24.37
CA SER B 112 -7.73 -21.98 -25.41
C SER B 112 -7.00 -20.66 -25.49
N ALA B 113 -5.67 -20.71 -25.46
CA ALA B 113 -4.81 -19.54 -25.60
C ALA B 113 -4.85 -19.07 -27.03
N SER B 114 -4.72 -20.02 -27.95
CA SER B 114 -4.73 -19.80 -29.39
C SER B 114 -6.03 -19.13 -29.88
N LYS B 115 -7.20 -19.68 -29.48
CA LYS B 115 -8.51 -19.14 -29.88
C LYS B 115 -8.74 -17.74 -29.28
N MET B 116 -8.23 -17.53 -28.05
CA MET B 116 -8.31 -16.26 -27.33
C MET B 116 -7.46 -15.19 -28.04
N LEU B 117 -6.20 -15.53 -28.33
CA LEU B 117 -5.26 -14.62 -28.99
C LEU B 117 -5.66 -14.33 -30.45
N SER B 118 -6.30 -15.29 -31.13
CA SER B 118 -6.74 -15.11 -32.52
C SER B 118 -7.81 -14.04 -32.62
N LYS B 119 -8.82 -14.10 -31.72
CA LYS B 119 -9.91 -13.12 -31.67
C LYS B 119 -9.33 -11.74 -31.33
N PHE B 120 -8.35 -11.70 -30.39
CA PHE B 120 -7.63 -10.50 -29.97
C PHE B 120 -6.90 -9.87 -31.18
N ARG B 121 -6.13 -10.70 -31.92
CA ARG B 121 -5.42 -10.27 -33.13
C ARG B 121 -6.42 -9.82 -34.23
N LYS B 122 -7.56 -10.54 -34.38
CA LYS B 122 -8.62 -10.25 -35.36
C LYS B 122 -9.28 -8.88 -35.13
N ILE B 123 -9.71 -8.57 -33.88
CA ILE B 123 -10.34 -7.28 -33.54
C ILE B 123 -9.30 -6.15 -33.75
N ILE B 124 -8.03 -6.38 -33.32
CA ILE B 124 -6.93 -5.41 -33.47
C ILE B 124 -6.65 -5.12 -34.96
N LYS B 125 -6.56 -6.18 -35.80
CA LYS B 125 -6.35 -6.00 -37.26
C LYS B 125 -7.50 -5.17 -37.86
N GLU B 126 -8.75 -5.48 -37.46
CA GLU B 126 -9.96 -4.80 -37.92
C GLU B 126 -10.01 -3.31 -37.51
N GLU B 127 -9.57 -2.99 -36.29
CA GLU B 127 -9.61 -1.59 -35.82
C GLU B 127 -8.43 -0.74 -36.25
N ILE B 128 -7.27 -1.32 -36.66
CA ILE B 128 -6.14 -0.48 -37.08
C ILE B 128 -6.39 0.17 -38.46
N ASN B 129 -7.27 -0.43 -39.29
CA ASN B 129 -7.59 0.13 -40.61
C ASN B 129 -8.55 1.32 -40.44
N ASP B 130 -9.50 1.21 -39.47
CA ASP B 130 -10.50 2.24 -39.17
C ASP B 130 -9.92 3.50 -38.50
N ILE B 131 -8.92 3.38 -37.61
CA ILE B 131 -8.40 4.55 -36.88
C ILE B 131 -7.62 5.50 -37.83
N LYS B 132 -7.96 6.81 -37.80
CA LYS B 132 -7.40 7.86 -38.65
C LYS B 132 -6.46 8.81 -37.86
N ASP B 133 -5.87 9.83 -38.54
CA ASP B 133 -4.94 10.83 -38.00
C ASP B 133 -3.49 10.29 -37.80
N THR B 134 -3.24 9.00 -38.13
CA THR B 134 -1.92 8.37 -38.01
C THR B 134 -1.87 7.06 -38.80
N ASP B 135 -0.74 6.77 -39.45
CA ASP B 135 -0.59 5.53 -40.24
C ASP B 135 -0.20 4.39 -39.29
N VAL B 136 -1.03 3.34 -39.20
CA VAL B 136 -0.76 2.20 -38.30
C VAL B 136 -0.83 0.89 -39.11
N ILE B 137 0.28 0.11 -39.06
CA ILE B 137 0.46 -1.16 -39.76
C ILE B 137 0.63 -2.23 -38.67
N MET B 138 0.11 -3.47 -38.91
CA MET B 138 0.27 -4.58 -37.95
C MET B 138 1.32 -5.57 -38.47
N LYS B 139 2.36 -5.83 -37.68
CA LYS B 139 3.48 -6.70 -38.05
C LYS B 139 3.16 -8.17 -37.76
N ARG B 140 3.61 -9.03 -38.70
CA ARG B 140 3.46 -10.49 -38.74
C ARG B 140 3.86 -11.25 -37.47
N LYS B 141 3.42 -12.53 -37.36
CA LYS B 141 3.69 -13.40 -36.21
C LYS B 141 5.16 -13.84 -36.08
N ARG B 142 5.74 -13.68 -34.87
CA ARG B 142 7.13 -14.04 -34.54
C ARG B 142 7.17 -14.91 -33.28
N GLY B 143 6.59 -14.43 -32.18
CA GLY B 143 6.49 -15.15 -30.91
C GLY B 143 5.11 -15.03 -30.29
N GLY B 144 4.84 -15.90 -29.32
CA GLY B 144 3.56 -15.95 -28.60
C GLY B 144 3.46 -14.96 -27.44
N SER B 145 4.60 -14.68 -26.76
CA SER B 145 4.65 -13.71 -25.63
C SER B 145 4.47 -12.28 -26.19
N PRO B 146 5.35 -11.74 -27.10
CA PRO B 146 5.02 -10.44 -27.74
C PRO B 146 3.97 -10.80 -28.80
N ALA B 147 2.69 -10.63 -28.45
CA ALA B 147 1.56 -11.16 -29.21
C ALA B 147 1.18 -10.40 -30.48
N VAL B 148 0.90 -9.08 -30.37
CA VAL B 148 0.52 -8.25 -31.52
C VAL B 148 1.47 -7.06 -31.57
N THR B 149 2.15 -6.84 -32.70
CA THR B 149 3.07 -5.73 -32.83
C THR B 149 2.56 -4.76 -33.88
N LEU B 150 2.46 -3.45 -33.51
CA LEU B 150 2.03 -2.38 -34.41
C LEU B 150 3.21 -1.55 -34.81
N LEU B 151 3.07 -0.76 -35.87
CA LEU B 151 4.09 0.17 -36.33
C LEU B 151 3.40 1.47 -36.64
N ILE B 152 3.54 2.45 -35.73
CA ILE B 152 2.89 3.74 -35.88
C ILE B 152 3.77 4.67 -36.70
N SER B 153 3.16 5.38 -37.66
CA SER B 153 3.83 6.34 -38.53
C SER B 153 5.24 5.88 -39.03
N GLU B 154 5.39 4.55 -39.32
CA GLU B 154 6.61 3.91 -39.83
C GLU B 154 7.88 3.99 -38.93
N LYS B 155 7.72 4.33 -37.65
CA LYS B 155 8.86 4.48 -36.74
C LYS B 155 8.65 3.79 -35.41
N ILE B 156 7.48 4.00 -34.78
CA ILE B 156 7.19 3.51 -33.44
C ILE B 156 6.60 2.11 -33.47
N SER B 157 7.24 1.16 -32.81
CA SER B 157 6.73 -0.20 -32.75
C SER B 157 6.03 -0.40 -31.40
N VAL B 158 4.82 -0.99 -31.38
CA VAL B 158 4.14 -1.25 -30.10
C VAL B 158 3.85 -2.72 -29.94
N ASP B 159 4.52 -3.36 -28.96
CA ASP B 159 4.30 -4.76 -28.62
C ASP B 159 3.11 -4.78 -27.64
N ILE B 160 1.99 -5.41 -28.03
CA ILE B 160 0.77 -5.49 -27.23
C ILE B 160 0.56 -6.92 -26.75
N THR B 161 0.58 -7.10 -25.42
CA THR B 161 0.39 -8.38 -24.74
C THR B 161 -0.99 -8.40 -24.08
N LEU B 162 -1.63 -9.59 -24.07
CA LEU B 162 -2.91 -9.82 -23.43
C LEU B 162 -2.59 -10.62 -22.19
N ALA B 163 -3.18 -10.24 -21.05
CA ALA B 163 -2.93 -10.93 -19.79
C ALA B 163 -4.21 -11.08 -18.99
N LEU B 164 -4.50 -12.31 -18.52
CA LEU B 164 -5.68 -12.56 -17.68
C LEU B 164 -5.34 -12.08 -16.28
N GLU B 165 -6.29 -11.50 -15.56
CA GLU B 165 -6.05 -11.05 -14.19
C GLU B 165 -6.79 -11.95 -13.25
N SER B 166 -6.12 -12.39 -12.19
CA SER B 166 -6.74 -13.23 -11.16
C SER B 166 -6.46 -12.61 -9.83
N LYS B 167 -7.52 -12.29 -9.08
CA LYS B 167 -7.39 -11.72 -7.75
C LYS B 167 -7.29 -12.83 -6.68
N SER B 168 -7.07 -14.10 -7.12
CA SER B 168 -6.90 -15.25 -6.23
C SER B 168 -5.52 -15.21 -5.55
N SER B 169 -5.28 -16.13 -4.60
CA SER B 169 -3.98 -16.25 -3.95
C SER B 169 -3.01 -16.84 -4.97
N TRP B 170 -1.75 -16.39 -4.91
CA TRP B 170 -0.74 -16.79 -5.87
C TRP B 170 -0.51 -18.32 -5.86
N PRO B 171 -0.23 -18.96 -7.03
CA PRO B 171 0.00 -20.42 -7.02
C PRO B 171 1.06 -20.88 -6.03
N ALA B 172 0.99 -22.16 -5.61
CA ALA B 172 1.94 -22.73 -4.63
C ALA B 172 3.42 -22.63 -5.05
N SER B 173 3.70 -22.61 -6.38
CA SER B 173 5.07 -22.48 -6.92
C SER B 173 5.77 -21.15 -6.56
N THR B 174 4.99 -20.15 -6.14
CA THR B 174 5.51 -18.84 -5.75
C THR B 174 5.74 -18.73 -4.24
N GLN B 175 5.22 -19.67 -3.45
CA GLN B 175 5.24 -19.68 -1.99
C GLN B 175 6.62 -19.41 -1.38
N GLU B 176 7.69 -19.90 -2.01
CA GLU B 176 9.06 -19.73 -1.51
C GLU B 176 9.87 -18.66 -2.32
N GLY B 177 9.21 -17.94 -3.25
CA GLY B 177 9.82 -16.89 -4.07
C GLY B 177 9.66 -15.52 -3.46
N LEU B 178 10.09 -14.47 -4.18
CA LEU B 178 10.03 -13.07 -3.74
C LEU B 178 10.70 -12.92 -2.36
N ARG B 179 12.00 -13.30 -2.25
CA ARG B 179 12.74 -13.23 -0.99
C ARG B 179 13.24 -11.82 -0.70
N ILE B 180 12.28 -10.95 -0.40
CA ILE B 180 12.50 -9.53 -0.09
C ILE B 180 12.39 -9.22 1.41
N GLN B 181 12.27 -10.24 2.28
CA GLN B 181 12.03 -10.07 3.72
C GLN B 181 13.17 -9.33 4.43
N ASN B 182 14.43 -9.65 4.10
CA ASN B 182 15.57 -8.97 4.73
C ASN B 182 15.96 -7.68 4.03
N TRP B 183 15.33 -7.35 2.87
CA TRP B 183 15.61 -6.14 2.08
C TRP B 183 14.42 -5.15 2.16
N LEU B 184 13.28 -5.52 1.61
CA LEU B 184 12.09 -4.67 1.59
C LEU B 184 11.12 -4.90 2.76
N SER B 185 11.37 -5.94 3.61
CA SER B 185 10.59 -6.35 4.79
C SER B 185 9.56 -7.40 4.48
N ALA B 186 9.20 -8.17 5.50
CA ALA B 186 8.19 -9.23 5.37
C ALA B 186 6.82 -8.61 5.28
N LYS B 187 6.64 -7.43 5.92
CA LYS B 187 5.35 -6.78 5.91
C LYS B 187 5.01 -6.28 4.49
N VAL B 188 6.01 -5.86 3.69
CA VAL B 188 5.85 -5.49 2.26
C VAL B 188 5.54 -6.76 1.45
N ARG B 189 6.27 -7.86 1.69
CA ARG B 189 6.05 -9.13 0.99
C ARG B 189 4.61 -9.61 1.18
N LYS B 190 4.08 -9.49 2.40
CA LYS B 190 2.68 -9.85 2.69
C LYS B 190 1.74 -8.96 1.88
N GLN B 191 1.98 -7.62 1.86
CA GLN B 191 1.15 -6.65 1.13
C GLN B 191 1.17 -6.92 -0.37
N LEU B 192 2.36 -7.23 -0.91
CA LEU B 192 2.53 -7.47 -2.34
C LEU B 192 1.84 -8.74 -2.80
N ARG B 193 1.94 -9.84 -2.02
CA ARG B 193 1.31 -11.11 -2.39
C ARG B 193 -0.24 -11.04 -2.37
N LEU B 194 -0.81 -10.07 -1.61
CA LEU B 194 -2.26 -9.85 -1.59
C LEU B 194 -2.76 -9.22 -2.90
N LYS B 195 -1.86 -8.66 -3.73
CA LYS B 195 -2.19 -8.09 -5.04
C LYS B 195 -2.53 -9.20 -6.06
N PRO B 196 -3.13 -8.89 -7.24
CA PRO B 196 -3.43 -9.96 -8.20
C PRO B 196 -2.19 -10.55 -8.86
N PHE B 197 -2.41 -11.49 -9.76
CA PHE B 197 -1.35 -12.10 -10.55
C PHE B 197 -1.89 -12.25 -11.94
N TYR B 198 -1.01 -12.27 -12.93
CA TYR B 198 -1.43 -12.33 -14.31
C TYR B 198 -0.98 -13.59 -14.99
N LEU B 199 -1.65 -13.93 -16.08
CA LEU B 199 -1.34 -15.07 -16.89
C LEU B 199 -1.31 -14.61 -18.34
N VAL B 200 -0.15 -14.72 -18.97
CA VAL B 200 0.04 -14.33 -20.35
C VAL B 200 0.06 -15.63 -21.17
N PRO B 201 -0.55 -15.65 -22.36
CA PRO B 201 -0.54 -16.88 -23.16
C PRO B 201 0.83 -17.16 -23.75
N LYS B 202 1.48 -18.21 -23.24
CA LYS B 202 2.79 -18.66 -23.71
C LYS B 202 2.75 -20.18 -23.74
N HIS B 203 3.06 -20.78 -24.90
CA HIS B 203 3.02 -22.24 -25.02
C HIS B 203 4.31 -22.84 -24.44
N GLN B 211 2.97 -27.11 -26.55
CA GLN B 211 1.61 -27.26 -26.04
C GLN B 211 0.89 -25.90 -26.13
N GLU B 212 0.13 -25.70 -27.22
CA GLU B 212 -0.56 -24.44 -27.55
C GLU B 212 -1.91 -24.21 -26.81
N GLU B 213 -1.95 -24.49 -25.49
CA GLU B 213 -3.13 -24.25 -24.67
C GLU B 213 -2.73 -23.78 -23.22
N THR B 214 -1.42 -23.46 -22.98
CA THR B 214 -0.91 -23.07 -21.67
C THR B 214 -0.77 -21.56 -21.52
N TRP B 215 -0.74 -21.13 -20.26
CA TRP B 215 -0.58 -19.73 -19.84
C TRP B 215 0.54 -19.63 -18.82
N ARG B 216 1.42 -18.64 -18.98
CA ARG B 216 2.54 -18.44 -18.06
C ARG B 216 2.24 -17.35 -17.04
N LEU B 217 2.74 -17.52 -15.80
CA LEU B 217 2.56 -16.54 -14.75
C LEU B 217 3.33 -15.27 -15.06
N SER B 218 2.75 -14.11 -14.71
CA SER B 218 3.39 -12.81 -14.89
C SER B 218 3.21 -11.97 -13.62
N PHE B 219 4.30 -11.33 -13.16
CA PHE B 219 4.35 -10.45 -11.98
C PHE B 219 5.05 -9.13 -12.35
N SER B 220 4.78 -8.65 -13.56
CA SER B 220 5.30 -7.41 -14.13
C SER B 220 4.98 -6.22 -13.22
N HIS B 221 3.78 -6.20 -12.65
CA HIS B 221 3.31 -5.16 -11.74
C HIS B 221 4.12 -5.10 -10.42
N ILE B 222 4.53 -6.28 -9.91
CA ILE B 222 5.29 -6.39 -8.66
C ILE B 222 6.73 -5.96 -8.93
N GLU B 223 7.27 -6.30 -10.10
CA GLU B 223 8.62 -5.91 -10.53
C GLU B 223 8.74 -4.39 -10.63
N LYS B 224 7.69 -3.71 -11.10
CA LYS B 224 7.64 -2.26 -11.21
C LYS B 224 7.56 -1.67 -9.79
N GLU B 225 6.69 -2.21 -8.93
CA GLU B 225 6.57 -1.72 -7.56
C GLU B 225 7.88 -1.79 -6.84
N ILE B 226 8.53 -2.98 -6.88
CA ILE B 226 9.85 -3.20 -6.28
C ILE B 226 10.93 -2.29 -6.87
N LEU B 227 10.90 -2.00 -8.16
CA LEU B 227 11.90 -1.10 -8.76
C LEU B 227 11.67 0.37 -8.42
N ASN B 228 10.43 0.81 -8.32
CA ASN B 228 10.13 2.23 -8.02
C ASN B 228 10.07 2.53 -6.50
N ASN B 229 10.18 1.48 -5.65
CA ASN B 229 10.24 1.60 -4.20
C ASN B 229 11.19 0.49 -3.81
N HIS B 230 12.49 0.76 -4.02
CA HIS B 230 13.58 -0.22 -3.98
C HIS B 230 14.52 -0.23 -2.81
N GLY B 231 14.38 0.68 -1.88
CA GLY B 231 15.32 0.73 -0.76
C GLY B 231 14.83 0.06 0.50
N LYS B 232 15.76 -0.18 1.45
CA LYS B 232 15.41 -0.66 2.79
C LYS B 232 14.76 0.52 3.52
N SER B 233 15.36 1.70 3.38
CA SER B 233 14.85 2.96 3.90
C SER B 233 13.72 3.40 3.01
N LYS B 234 12.66 3.93 3.58
CA LYS B 234 11.51 4.45 2.83
C LYS B 234 11.88 5.74 2.05
N THR B 235 12.88 6.51 2.55
CA THR B 235 13.35 7.75 1.91
C THR B 235 14.58 7.51 1.02
N CYS B 236 14.80 6.26 0.55
CA CYS B 236 15.91 5.97 -0.36
C CYS B 236 15.66 6.72 -1.65
N CYS B 237 16.67 7.51 -2.10
CA CYS B 237 16.66 8.32 -3.31
C CYS B 237 15.67 9.50 -3.25
N GLU B 238 15.45 10.02 -2.04
CA GLU B 238 14.61 11.20 -1.83
C GLU B 238 15.47 12.36 -1.28
N ASN B 239 16.78 12.12 -1.00
CA ASN B 239 17.72 13.14 -0.50
C ASN B 239 19.19 12.83 -0.87
N LYS B 240 20.05 13.88 -0.87
CA LYS B 240 21.48 13.78 -1.23
C LYS B 240 22.25 12.73 -0.41
N GLU B 241 21.95 12.62 0.90
CA GLU B 241 22.59 11.62 1.78
C GLU B 241 22.09 10.16 1.52
N GLU B 242 20.90 9.99 0.88
CA GLU B 242 20.30 8.68 0.63
C GLU B 242 20.18 8.31 -0.83
N LYS B 243 21.07 8.81 -1.72
CA LYS B 243 21.01 8.44 -3.15
C LYS B 243 21.78 7.11 -3.40
N CYS B 244 21.11 6.13 -4.06
CA CYS B 244 21.70 4.81 -4.37
C CYS B 244 21.89 4.59 -5.88
N CYS B 245 22.56 3.48 -6.29
CA CYS B 245 22.82 3.16 -7.71
C CYS B 245 22.18 1.86 -8.17
N ARG B 246 21.06 1.47 -7.57
CA ARG B 246 20.36 0.24 -7.93
C ARG B 246 19.84 0.36 -9.37
N LYS B 247 18.97 1.35 -9.63
CA LYS B 247 18.38 1.55 -10.96
C LYS B 247 19.42 1.75 -12.07
N ASP B 248 20.51 2.45 -11.76
CA ASP B 248 21.60 2.68 -12.68
C ASP B 248 22.32 1.40 -13.05
N CYS B 249 22.51 0.45 -12.08
CA CYS B 249 23.11 -0.86 -12.37
C CYS B 249 22.23 -1.63 -13.30
N LEU B 250 20.90 -1.62 -13.08
CA LEU B 250 19.99 -2.34 -13.96
C LEU B 250 20.01 -1.74 -15.37
N LYS B 251 19.99 -0.40 -15.49
CA LYS B 251 20.04 0.29 -16.80
C LYS B 251 21.32 -0.10 -17.55
N LEU B 252 22.46 -0.20 -16.84
CA LEU B 252 23.76 -0.55 -17.44
C LEU B 252 23.83 -2.06 -17.85
N MET B 253 23.24 -2.94 -17.06
CA MET B 253 23.21 -4.37 -17.37
C MET B 253 22.35 -4.59 -18.63
N LYS B 254 21.17 -3.94 -18.65
CA LYS B 254 20.24 -3.98 -19.79
C LYS B 254 20.95 -3.47 -21.07
N TYR B 255 21.67 -2.32 -20.97
CA TYR B 255 22.39 -1.71 -22.09
C TYR B 255 23.57 -2.59 -22.53
N LEU B 256 24.26 -3.24 -21.58
CA LEU B 256 25.36 -4.16 -21.92
C LEU B 256 24.88 -5.29 -22.84
N LEU B 257 23.74 -5.92 -22.51
CA LEU B 257 23.17 -7.00 -23.30
C LEU B 257 22.62 -6.50 -24.65
N GLU B 258 21.96 -5.33 -24.67
CA GLU B 258 21.41 -4.76 -25.89
C GLU B 258 22.52 -4.46 -26.90
N GLN B 259 23.64 -3.86 -26.43
CA GLN B 259 24.78 -3.52 -27.30
C GLN B 259 25.47 -4.78 -27.85
N LEU B 260 25.65 -5.82 -27.01
CA LEU B 260 26.26 -7.08 -27.45
C LEU B 260 25.31 -7.83 -28.39
N LYS B 261 24.00 -7.81 -28.11
CA LYS B 261 23.02 -8.45 -28.98
C LYS B 261 23.01 -7.80 -30.38
N GLU B 262 23.19 -6.44 -30.43
CA GLU B 262 23.28 -5.67 -31.68
C GLU B 262 24.53 -6.06 -32.46
N ARG B 263 25.68 -6.05 -31.76
CA ARG B 263 27.00 -6.40 -32.31
C ARG B 263 27.00 -7.77 -33.00
N PHE B 264 26.37 -8.77 -32.36
CA PHE B 264 26.33 -10.13 -32.90
C PHE B 264 24.93 -10.56 -33.37
N LYS B 265 24.19 -9.63 -33.99
CA LYS B 265 22.84 -9.94 -34.52
C LYS B 265 22.92 -11.00 -35.65
N ASP B 266 23.92 -10.89 -36.55
CA ASP B 266 24.09 -11.84 -37.66
C ASP B 266 24.56 -13.25 -37.20
N LYS B 267 25.09 -13.37 -35.98
CA LYS B 267 25.58 -14.66 -35.44
C LYS B 267 24.46 -15.59 -34.91
N LYS B 268 23.36 -15.01 -34.34
CA LYS B 268 22.15 -15.69 -33.83
C LYS B 268 22.27 -16.38 -32.42
N HIS B 269 23.44 -16.31 -31.73
CA HIS B 269 23.58 -16.97 -30.41
C HIS B 269 22.78 -16.25 -29.32
N LEU B 270 22.99 -14.95 -29.22
CA LEU B 270 22.41 -14.11 -28.19
C LEU B 270 20.91 -13.80 -28.35
N ASP B 271 20.25 -14.33 -29.41
CA ASP B 271 18.83 -14.13 -29.67
C ASP B 271 17.96 -14.62 -28.51
N LYS B 272 18.36 -15.71 -27.85
CA LYS B 272 17.57 -16.27 -26.73
C LYS B 272 17.67 -15.46 -25.39
N PHE B 273 18.62 -14.51 -25.27
CA PHE B 273 18.81 -13.72 -24.06
C PHE B 273 17.96 -12.47 -24.11
N SER B 274 17.34 -12.12 -23.00
CA SER B 274 16.47 -10.95 -22.93
C SER B 274 16.76 -10.13 -21.71
N SER B 275 16.18 -8.93 -21.69
CA SER B 275 16.30 -8.02 -20.56
C SER B 275 15.68 -8.65 -19.31
N TYR B 276 14.75 -9.63 -19.46
CA TYR B 276 14.19 -10.33 -18.31
C TYR B 276 15.24 -11.14 -17.54
N HIS B 277 16.21 -11.72 -18.26
CA HIS B 277 17.29 -12.48 -17.63
C HIS B 277 18.15 -11.55 -16.77
N VAL B 278 18.48 -10.38 -17.33
CA VAL B 278 19.24 -9.30 -16.69
C VAL B 278 18.51 -8.78 -15.43
N LYS B 279 17.21 -8.52 -15.56
CA LYS B 279 16.34 -8.01 -14.51
C LYS B 279 16.18 -9.03 -13.36
N THR B 280 15.96 -10.31 -13.70
CA THR B 280 15.88 -11.40 -12.70
C THR B 280 17.18 -11.48 -11.93
N ALA B 281 18.30 -11.52 -12.64
CA ALA B 281 19.60 -11.59 -12.02
C ALA B 281 19.84 -10.36 -11.13
N PHE B 282 19.35 -9.17 -11.55
CA PHE B 282 19.47 -7.93 -10.76
C PHE B 282 18.72 -8.04 -9.43
N PHE B 283 17.48 -8.57 -9.45
CA PHE B 283 16.72 -8.78 -8.21
C PHE B 283 17.41 -9.78 -7.27
N HIS B 284 18.13 -10.78 -7.82
CA HIS B 284 18.86 -11.72 -6.99
C HIS B 284 20.01 -11.08 -6.26
N VAL B 285 20.63 -10.08 -6.91
CA VAL B 285 21.76 -9.31 -6.35
C VAL B 285 21.23 -8.36 -5.29
N CYS B 286 20.00 -7.84 -5.47
CA CYS B 286 19.34 -6.98 -4.48
C CYS B 286 19.03 -7.77 -3.19
N THR B 287 18.66 -9.06 -3.35
CA THR B 287 18.41 -9.96 -2.22
C THR B 287 19.74 -10.26 -1.50
N GLN B 288 20.83 -10.40 -2.25
CA GLN B 288 22.17 -10.63 -1.69
C GLN B 288 22.74 -9.42 -0.96
N ASN B 289 22.39 -8.22 -1.39
CA ASN B 289 22.89 -6.95 -0.83
C ASN B 289 21.67 -6.14 -0.37
N PRO B 290 21.08 -6.49 0.80
CA PRO B 290 19.83 -5.82 1.26
C PRO B 290 19.96 -4.40 1.78
N GLN B 291 21.19 -3.98 2.14
CA GLN B 291 21.44 -2.65 2.67
C GLN B 291 21.64 -1.59 1.61
N ASP B 292 21.04 -0.42 1.80
CA ASP B 292 21.19 0.73 0.90
C ASP B 292 22.66 1.19 0.83
N SER B 293 23.44 0.94 1.91
CA SER B 293 24.88 1.25 2.02
C SER B 293 25.69 0.43 1.04
N GLN B 294 25.17 -0.75 0.67
CA GLN B 294 25.79 -1.61 -0.33
C GLN B 294 25.58 -1.08 -1.74
N TRP B 295 24.66 -0.09 -1.93
CA TRP B 295 24.34 0.53 -3.22
C TRP B 295 24.64 2.01 -3.25
N ASP B 296 25.71 2.44 -2.59
CA ASP B 296 26.10 3.86 -2.57
C ASP B 296 26.47 4.38 -3.96
N ARG B 297 26.02 5.60 -4.28
CA ARG B 297 26.27 6.30 -5.56
C ARG B 297 27.74 6.32 -5.91
N LYS B 298 28.60 6.53 -4.90
CA LYS B 298 30.06 6.54 -5.09
C LYS B 298 30.62 5.18 -5.51
N ASP B 299 29.93 4.08 -5.12
CA ASP B 299 30.35 2.71 -5.38
C ASP B 299 29.73 2.09 -6.66
N LEU B 300 29.14 2.92 -7.57
CA LEU B 300 28.52 2.43 -8.82
C LEU B 300 29.35 1.44 -9.60
N GLY B 301 30.65 1.70 -9.70
CA GLY B 301 31.55 0.84 -10.45
C GLY B 301 31.69 -0.55 -9.84
N LEU B 302 31.79 -0.57 -8.52
CA LEU B 302 31.91 -1.79 -7.74
C LEU B 302 30.58 -2.55 -7.71
N CYS B 303 29.46 -1.83 -7.62
CA CYS B 303 28.11 -2.41 -7.65
C CYS B 303 27.80 -3.05 -8.98
N PHE B 304 28.14 -2.37 -10.09
CA PHE B 304 27.92 -2.90 -11.44
C PHE B 304 28.78 -4.12 -11.68
N ASP B 305 29.99 -4.15 -11.10
CA ASP B 305 30.88 -5.31 -11.23
C ASP B 305 30.32 -6.55 -10.53
N ASN B 306 29.56 -6.39 -9.43
CA ASN B 306 28.94 -7.53 -8.73
C ASN B 306 27.82 -8.05 -9.60
N CYS B 307 27.05 -7.15 -10.23
CA CYS B 307 25.94 -7.51 -11.11
C CYS B 307 26.48 -8.29 -12.31
N VAL B 308 27.56 -7.79 -12.97
CA VAL B 308 28.21 -8.46 -14.11
C VAL B 308 28.65 -9.88 -13.65
N THR B 309 29.35 -9.91 -12.51
CA THR B 309 29.90 -11.13 -11.87
C THR B 309 28.82 -12.18 -11.52
N TYR B 310 27.69 -11.75 -10.93
CA TYR B 310 26.58 -12.66 -10.60
C TYR B 310 26.00 -13.20 -11.89
N PHE B 311 25.74 -12.32 -12.86
CA PHE B 311 25.18 -12.73 -14.15
C PHE B 311 26.03 -13.78 -14.82
N LEU B 312 27.35 -13.61 -14.79
CA LEU B 312 28.29 -14.57 -15.37
C LEU B 312 28.26 -15.92 -14.66
N GLN B 313 28.07 -15.90 -13.32
CA GLN B 313 28.00 -17.14 -12.55
C GLN B 313 26.78 -17.94 -12.99
N CYS B 314 25.64 -17.26 -13.20
CA CYS B 314 24.41 -17.87 -13.69
C CYS B 314 24.62 -18.51 -15.06
N LEU B 315 25.33 -17.81 -15.97
CA LEU B 315 25.65 -18.33 -17.30
C LEU B 315 26.53 -19.60 -17.20
N ARG B 316 27.60 -19.57 -16.35
CA ARG B 316 28.54 -20.70 -16.20
C ARG B 316 27.87 -21.88 -15.58
N THR B 317 27.15 -21.65 -14.49
CA THR B 317 26.47 -22.71 -13.74
C THR B 317 25.15 -23.16 -14.39
N GLU B 318 24.66 -22.47 -15.44
CA GLU B 318 23.41 -22.75 -16.14
C GLU B 318 22.25 -22.72 -15.16
N LYS B 319 22.25 -21.70 -14.26
CA LYS B 319 21.26 -21.57 -13.19
C LYS B 319 20.88 -20.12 -12.96
N LEU B 320 19.68 -19.72 -13.43
CA LEU B 320 19.11 -18.40 -13.16
C LEU B 320 17.67 -18.67 -12.78
N GLU B 321 17.35 -18.69 -11.47
CA GLU B 321 15.97 -18.97 -11.06
C GLU B 321 15.07 -17.76 -11.19
N ASN B 322 13.83 -18.00 -11.58
CA ASN B 322 12.80 -16.97 -11.64
C ASN B 322 12.64 -16.40 -10.22
N TYR B 323 12.62 -15.07 -10.09
CA TYR B 323 12.56 -14.41 -8.78
C TYR B 323 11.31 -14.74 -7.95
N PHE B 324 10.19 -15.08 -8.64
CA PHE B 324 8.91 -15.42 -8.03
C PHE B 324 8.66 -16.90 -7.97
N ILE B 325 9.20 -17.70 -8.92
CA ILE B 325 9.06 -19.16 -9.01
C ILE B 325 10.46 -19.79 -8.88
N PRO B 326 10.91 -20.05 -7.64
CA PRO B 326 12.27 -20.57 -7.45
C PRO B 326 12.64 -21.81 -8.24
N GLU B 327 11.69 -22.73 -8.43
CA GLU B 327 11.95 -23.97 -9.14
C GLU B 327 12.06 -23.81 -10.67
N PHE B 328 11.64 -22.66 -11.23
CA PHE B 328 11.75 -22.41 -12.67
C PHE B 328 13.12 -21.79 -12.99
N ASN B 329 13.93 -22.47 -13.79
CA ASN B 329 15.28 -22.04 -14.19
C ASN B 329 15.25 -21.48 -15.60
N LEU B 330 15.44 -20.17 -15.71
CA LEU B 330 15.44 -19.46 -16.99
C LEU B 330 16.64 -19.83 -17.87
N PHE B 331 17.73 -20.33 -17.25
CA PHE B 331 18.98 -20.72 -17.92
C PHE B 331 19.17 -22.22 -18.04
N SER B 332 18.07 -22.97 -17.99
CA SER B 332 18.03 -24.41 -18.21
C SER B 332 18.64 -24.73 -19.58
N SER B 333 19.33 -25.90 -19.71
CA SER B 333 19.93 -26.36 -20.98
C SER B 333 18.84 -26.60 -22.03
N ASN B 334 17.63 -26.92 -21.57
CA ASN B 334 16.49 -27.13 -22.44
C ASN B 334 15.97 -25.82 -23.06
N LEU B 335 16.26 -24.65 -22.43
CA LEU B 335 15.83 -23.34 -22.92
C LEU B 335 16.94 -22.63 -23.68
N ILE B 336 18.17 -22.65 -23.16
CA ILE B 336 19.31 -22.00 -23.78
C ILE B 336 20.45 -23.01 -23.78
N ASP B 337 21.01 -23.29 -24.97
CA ASP B 337 22.11 -24.26 -25.10
C ASP B 337 23.37 -23.70 -24.50
N LYS B 338 24.20 -24.60 -23.97
CA LYS B 338 25.47 -24.28 -23.30
C LYS B 338 26.39 -23.42 -24.18
N ARG B 339 26.52 -23.73 -25.50
CA ARG B 339 27.42 -22.95 -26.38
C ARG B 339 27.02 -21.46 -26.46
N SER B 340 25.70 -21.15 -26.34
CA SER B 340 25.21 -19.77 -26.35
C SER B 340 25.58 -19.03 -25.07
N LYS B 341 25.45 -19.70 -23.92
CA LYS B 341 25.83 -19.12 -22.64
C LYS B 341 27.35 -18.90 -22.60
N GLU B 342 28.12 -19.83 -23.20
CA GLU B 342 29.59 -19.73 -23.27
C GLU B 342 30.03 -18.56 -24.16
N PHE B 343 29.28 -18.27 -25.22
CA PHE B 343 29.59 -17.15 -26.11
C PHE B 343 29.34 -15.85 -25.38
N LEU B 344 28.18 -15.73 -24.68
CA LEU B 344 27.82 -14.54 -23.92
C LEU B 344 28.81 -14.35 -22.78
N THR B 345 29.31 -15.44 -22.16
CA THR B 345 30.32 -15.34 -21.10
C THR B 345 31.60 -14.77 -21.69
N LYS B 346 32.08 -15.34 -22.80
CA LYS B 346 33.28 -14.88 -23.52
C LYS B 346 33.26 -13.36 -23.77
N GLN B 347 32.13 -12.88 -24.32
CA GLN B 347 31.93 -11.49 -24.69
C GLN B 347 31.85 -10.55 -23.49
N ILE B 348 31.09 -10.90 -22.43
CA ILE B 348 30.97 -10.07 -21.24
C ILE B 348 32.31 -9.98 -20.53
N GLU B 349 33.06 -11.09 -20.45
CA GLU B 349 34.38 -11.11 -19.81
C GLU B 349 35.37 -10.23 -20.54
N TYR B 350 35.38 -10.29 -21.90
CA TYR B 350 36.24 -9.43 -22.74
C TYR B 350 35.93 -7.95 -22.47
N GLU B 351 34.62 -7.61 -22.46
CA GLU B 351 34.16 -6.25 -22.21
C GLU B 351 34.66 -5.74 -20.86
N ARG B 352 34.44 -6.54 -19.80
CA ARG B 352 34.87 -6.20 -18.43
C ARG B 352 36.38 -6.03 -18.34
N ASN B 353 37.12 -6.82 -19.11
CA ASN B 353 38.60 -6.77 -19.14
C ASN B 353 39.16 -5.62 -19.96
N ASN B 354 38.37 -4.99 -20.82
CA ASN B 354 38.87 -3.90 -21.66
C ASN B 354 38.12 -2.58 -21.43
N GLU B 355 37.65 -2.39 -20.19
CA GLU B 355 36.95 -1.17 -19.75
C GLU B 355 35.70 -0.88 -20.60
N PHE B 356 34.95 -1.94 -20.92
CA PHE B 356 33.69 -1.91 -21.67
C PHE B 356 33.71 -1.11 -22.97
N PRO B 357 34.43 -1.59 -23.99
CA PRO B 357 34.43 -0.88 -25.28
C PRO B 357 33.06 -0.77 -25.94
N VAL B 358 32.14 -1.69 -25.66
CA VAL B 358 30.81 -1.70 -26.29
C VAL B 358 29.95 -0.52 -25.79
N PHE B 359 30.37 0.13 -24.69
CA PHE B 359 29.67 1.29 -24.15
C PHE B 359 29.92 2.54 -24.92
N ASP B 360 31.21 2.92 -25.05
CA ASP B 360 31.65 4.16 -25.70
C ASP B 360 30.97 4.46 -27.04
N GLU B 361 30.65 5.76 -27.24
CA GLU B 361 29.96 6.30 -28.43
C GLU B 361 30.15 7.82 -28.49
ZN ZN C . 10.19 0.11 15.23
C4 8ZM D . -10.36 15.07 16.37
C7 8ZM D . -10.43 13.67 16.84
C6 8ZM D . -10.08 16.69 14.59
C9 8ZM D . -10.38 11.24 16.45
C8 8ZM D . -10.36 12.54 15.94
C1 8ZM D . -10.20 17.72 15.51
C2 8ZM D . -10.40 17.44 16.84
C3 8ZM D . -10.47 16.13 17.28
C5 8ZM D . -10.15 15.37 15.02
N10 8ZM D . -10.51 11.11 17.88
C11 8ZM D . -10.59 12.23 18.67
N12 8ZM D . -10.55 13.48 18.15
N13 8ZM D . -10.71 11.85 19.93
N14 8ZM D . -10.70 10.47 19.89
N15 8ZM D . -10.58 10.01 18.69
O16 8ZM D . -10.29 10.09 15.75
HC6 8ZM D . -9.93 16.90 13.54
HC8 8ZM D . -10.36 12.69 14.87
HC1 8ZM D . -10.16 18.75 15.16
HC2 8ZM D . -10.51 18.24 17.57
HC3 8ZM D . -10.62 15.96 18.34
HC5 8ZM D . -10.03 14.60 14.26
HO16 8ZM D . -10.20 10.31 14.78
ZN ZN E . 17.58 4.25 -3.97
C4 8ZM F . 8.80 -15.83 -17.06
C7 8ZM F . 8.77 -14.44 -17.52
C6 8ZM F . 8.04 -17.56 -15.54
C9 8ZM F . 7.84 -12.18 -17.41
C8 8ZM F . 7.90 -13.46 -16.91
C1 8ZM F . 8.94 -18.45 -16.08
C2 8ZM F . 9.76 -18.05 -17.13
C3 8ZM F . 9.68 -16.76 -17.63
C5 8ZM F . 7.96 -16.26 -16.02
N10 8ZM F . 8.64 -11.90 -18.55
C11 8ZM F . 9.45 -12.89 -19.09
N12 8ZM F . 9.52 -14.13 -18.58
N13 8ZM F . 10.07 -12.38 -20.15
N14 8ZM F . 9.63 -11.09 -20.23
N15 8ZM F . 8.79 -10.78 -19.29
O16 8ZM F . 7.10 -11.16 -16.96
C4 8ZM G . 37.43 -12.25 -27.34
C7 8ZM G . 37.89 -10.98 -27.93
C6 8ZM G . 35.70 -13.92 -27.02
C9 8ZM G . 37.52 -8.96 -29.25
C8 8ZM G . 36.99 -10.08 -28.59
C1 8ZM G . 36.60 -14.75 -26.39
C2 8ZM G . 37.91 -14.35 -26.21
C3 8ZM G . 38.32 -13.11 -26.69
C5 8ZM G . 36.11 -12.67 -27.48
N10 8ZM G . 38.94 -8.78 -29.22
C11 8ZM G . 39.73 -9.69 -28.55
N12 8ZM G . 39.21 -10.76 -27.91
N13 8ZM G . 40.98 -9.30 -28.67
N14 8ZM G . 40.96 -8.16 -29.41
N15 8ZM G . 39.75 -7.83 -29.76
O16 8ZM G . 36.87 -7.99 -29.90
#